data_4IR8
#
_entry.id   4IR8
#
_cell.length_a   64.400
_cell.length_b   64.400
_cell.length_c   591.610
_cell.angle_alpha   90.00
_cell.angle_beta   90.00
_cell.angle_gamma   120.00
#
_symmetry.space_group_name_H-M   'P 65 2 2'
#
loop_
_entity.id
_entity.type
_entity.pdbx_description
1 polymer 'Sedoheptulose-1,7 bisphosphatase, putative'
2 non-polymer DI(HYDROXYETHYL)ETHER
3 non-polymer 'ACETATE ION'
4 water water
#
_entity_poly.entity_id   1
_entity_poly.type   'polypeptide(L)'
_entity_poly.pdbx_seq_one_letter_code
;MGSSHHHHHHENLYFQGMESPSALPSLDQLLKEQGADQTLTDLILAILDRCGKIASALQGTSVDKVGSVNEFGDEQLTVD
VIAENLLRSWAQSSEGSAVRAVCSEEDIHLQECHKNGEFILCWDPLDGSSIIDCNWAVGSIVSIWRIGHHGVQWQGADTL
IQKTGRQQVASLIVVYGPRTTGVVAVNVDAGGIVKEGTALDLEMKDNGKFICRGKPIIKPQAKIFSPANLRAAQDLPAYK
QLIEFWMEKRYTLRYTGGLVPDVYQIFVKQQGVFCNPASKAAPAKLRMCFEVLAIALVVEAAGGRTSNGQKSLLDVAIEH
MDHRSALCCGSADEIKRMEETFAALSG
;
_entity_poly.pdbx_strand_id   A,B
#
loop_
_chem_comp.id
_chem_comp.type
_chem_comp.name
_chem_comp.formula
ACT non-polymer 'ACETATE ION' 'C2 H3 O2 -1'
PEG non-polymer DI(HYDROXYETHYL)ETHER 'C4 H10 O3'
#
# COMPACT_ATOMS: atom_id res chain seq x y z
N LEU A 24 -29.11 3.84 -6.01
CA LEU A 24 -27.90 3.93 -6.88
C LEU A 24 -27.91 2.81 -7.92
N PRO A 25 -27.53 3.13 -9.18
CA PRO A 25 -27.57 2.13 -10.24
C PRO A 25 -26.66 0.95 -9.97
N SER A 26 -27.17 -0.24 -10.29
CA SER A 26 -26.44 -1.47 -10.12
C SER A 26 -25.26 -1.52 -11.08
N LEU A 27 -24.29 -2.37 -10.78
CA LEU A 27 -23.15 -2.54 -11.67
C LEU A 27 -23.64 -3.15 -12.97
N ASP A 28 -24.63 -4.04 -12.88
CA ASP A 28 -25.25 -4.63 -14.06
C ASP A 28 -25.74 -3.52 -15.00
N GLN A 29 -26.53 -2.59 -14.46
CA GLN A 29 -27.05 -1.46 -15.21
C GLN A 29 -25.91 -0.64 -15.80
N LEU A 30 -24.90 -0.34 -14.98
CA LEU A 30 -23.80 0.51 -15.41
C LEU A 30 -22.99 -0.13 -16.54
N LEU A 31 -22.74 -1.42 -16.46
CA LEU A 31 -22.00 -2.12 -17.51
C LEU A 31 -22.76 -2.08 -18.82
N LYS A 32 -24.07 -2.30 -18.74
CA LYS A 32 -24.91 -2.21 -19.92
C LYS A 32 -24.90 -0.80 -20.50
N GLU A 33 -24.91 0.22 -19.63
CA GLU A 33 -24.83 1.59 -20.11
C GLU A 33 -23.53 1.82 -20.92
N GLN A 34 -22.45 1.16 -20.51
CA GLN A 34 -21.18 1.28 -21.22
C GLN A 34 -21.07 0.44 -22.49
N GLY A 35 -22.13 -0.31 -22.83
CA GLY A 35 -22.14 -1.11 -24.07
C GLY A 35 -22.13 -2.62 -23.96
N ALA A 36 -22.02 -3.14 -22.75
CA ALA A 36 -21.97 -4.57 -22.56
C ALA A 36 -23.35 -5.18 -22.73
N ASP A 37 -23.39 -6.33 -23.39
CA ASP A 37 -24.61 -7.09 -23.49
C ASP A 37 -24.73 -7.88 -22.17
N GLN A 38 -25.81 -8.62 -22.03
CA GLN A 38 -26.01 -9.41 -20.81
C GLN A 38 -24.88 -10.44 -20.66
N THR A 39 -24.45 -11.04 -21.76
CA THR A 39 -23.38 -12.05 -21.71
C THR A 39 -22.06 -11.51 -21.16
N LEU A 40 -21.61 -10.37 -21.68
CA LEU A 40 -20.38 -9.75 -21.18
C LEU A 40 -20.58 -9.26 -19.74
N THR A 41 -21.76 -8.72 -19.46
CA THR A 41 -22.08 -8.24 -18.11
C THR A 41 -21.95 -9.39 -17.12
N ASP A 42 -22.58 -10.51 -17.42
CA ASP A 42 -22.54 -11.69 -16.55
C ASP A 42 -21.13 -12.24 -16.36
N LEU A 43 -20.35 -12.21 -17.43
CA LEU A 43 -18.95 -12.67 -17.36
C LEU A 43 -18.14 -11.78 -16.39
N ILE A 44 -18.27 -10.47 -16.53
CA ILE A 44 -17.57 -9.53 -15.65
C ILE A 44 -18.00 -9.74 -14.20
N LEU A 45 -19.30 -9.87 -13.95
CA LEU A 45 -19.79 -10.13 -12.61
C LEU A 45 -19.25 -11.47 -12.04
N ALA A 46 -19.11 -12.49 -12.90
CA ALA A 46 -18.60 -13.79 -12.45
C ALA A 46 -17.12 -13.68 -12.08
N ILE A 47 -16.36 -12.96 -12.90
CA ILE A 47 -14.92 -12.74 -12.65
C ILE A 47 -14.74 -11.96 -11.36
N LEU A 48 -15.51 -10.90 -11.19
CA LEU A 48 -15.46 -10.11 -9.95
C LEU A 48 -15.82 -10.97 -8.74
N ASP A 49 -16.79 -11.87 -8.89
CA ASP A 49 -17.13 -12.76 -7.79
C ASP A 49 -15.93 -13.66 -7.41
N ARG A 50 -15.24 -14.19 -8.42
CA ARG A 50 -14.04 -15.00 -8.14
C ARG A 50 -12.98 -14.13 -7.45
N CYS A 51 -12.87 -12.85 -7.83
CA CYS A 51 -11.92 -11.92 -7.15
C CYS A 51 -12.34 -11.73 -5.68
N GLY A 52 -13.64 -11.76 -5.42
CA GLY A 52 -14.16 -11.74 -4.05
C GLY A 52 -13.62 -12.91 -3.23
N LYS A 53 -13.57 -14.09 -3.86
CA LYS A 53 -13.07 -15.29 -3.21
C LYS A 53 -11.54 -15.19 -3.01
N ILE A 54 -10.84 -14.53 -3.93
CA ILE A 54 -9.39 -14.30 -3.77
C ILE A 54 -9.19 -13.39 -2.54
N ALA A 55 -10.03 -12.35 -2.41
CA ALA A 55 -9.99 -11.46 -1.24
C ALA A 55 -10.12 -12.27 0.05
N SER A 56 -11.06 -13.19 0.09
CA SER A 56 -11.23 -14.07 1.25
C SER A 56 -10.01 -14.97 1.49
N ALA A 57 -9.41 -15.48 0.43
CA ALA A 57 -8.22 -16.32 0.55
C ALA A 57 -7.07 -15.53 1.21
N LEU A 58 -6.95 -14.27 0.83
CA LEU A 58 -5.93 -13.39 1.41
C LEU A 58 -6.19 -13.08 2.89
N GLN A 59 -7.46 -12.98 3.30
N GLN A 59 -7.46 -12.99 3.27
CA GLN A 59 -7.80 -12.68 4.69
CA GLN A 59 -7.90 -12.68 4.65
C GLN A 59 -7.66 -13.87 5.63
C GLN A 59 -7.76 -13.84 5.63
N GLY A 60 -8.02 -15.06 5.15
CA GLY A 60 -8.01 -16.24 5.99
C GLY A 60 -6.94 -17.28 5.74
N THR A 61 -5.88 -16.90 5.04
CA THR A 61 -4.80 -17.83 4.75
C THR A 61 -3.48 -17.21 5.23
N SER A 62 -2.76 -17.96 6.07
CA SER A 62 -1.46 -17.53 6.60
C SER A 62 -1.33 -16.02 6.72
N LEU A 77 -0.67 -24.63 0.17
CA LEU A 77 -0.65 -23.85 -1.06
C LEU A 77 -0.55 -22.36 -0.78
N THR A 78 0.33 -21.66 -1.50
CA THR A 78 0.50 -20.21 -1.34
C THR A 78 -0.73 -19.52 -1.93
N VAL A 79 -1.00 -18.28 -1.50
N VAL A 79 -0.99 -18.29 -1.50
CA VAL A 79 -2.19 -17.56 -1.97
CA VAL A 79 -2.17 -17.53 -1.96
C VAL A 79 -2.21 -17.30 -3.47
C VAL A 79 -2.20 -17.30 -3.46
N ASP A 80 -1.04 -17.10 -4.07
CA ASP A 80 -0.99 -16.89 -5.53
C ASP A 80 -1.48 -18.18 -6.24
N VAL A 81 -1.14 -19.36 -5.70
CA VAL A 81 -1.62 -20.64 -6.26
C VAL A 81 -3.13 -20.83 -6.04
N ILE A 82 -3.60 -20.43 -4.87
CA ILE A 82 -5.02 -20.49 -4.55
C ILE A 82 -5.79 -19.58 -5.50
N ALA A 83 -5.26 -18.39 -5.78
CA ALA A 83 -5.92 -17.45 -6.67
C ALA A 83 -5.97 -18.00 -8.10
N GLU A 84 -4.85 -18.52 -8.59
CA GLU A 84 -4.83 -19.13 -9.93
C GLU A 84 -5.88 -20.25 -10.03
N ASN A 85 -5.93 -21.11 -9.01
CA ASN A 85 -6.88 -22.25 -8.98
C ASN A 85 -8.34 -21.79 -8.99
N LEU A 86 -8.64 -20.75 -8.24
CA LEU A 86 -9.99 -20.18 -8.22
C LEU A 86 -10.45 -19.77 -9.62
N LEU A 87 -9.58 -19.07 -10.36
CA LEU A 87 -9.93 -18.60 -11.70
C LEU A 87 -9.95 -19.75 -12.72
N ARG A 88 -8.93 -20.61 -12.67
CA ARG A 88 -8.86 -21.75 -13.57
C ARG A 88 -10.03 -22.71 -13.40
N SER A 89 -10.31 -23.09 -12.15
N SER A 89 -10.30 -23.07 -12.16
CA SER A 89 -11.40 -24.02 -11.88
CA SER A 89 -11.40 -23.99 -11.85
C SER A 89 -12.74 -23.43 -12.34
C SER A 89 -12.72 -23.43 -12.36
N TRP A 90 -12.95 -22.14 -12.12
CA TRP A 90 -14.17 -21.48 -12.57
C TRP A 90 -14.28 -21.52 -14.10
N ALA A 91 -13.20 -21.14 -14.79
CA ALA A 91 -13.20 -21.12 -16.27
C ALA A 91 -13.46 -22.50 -16.84
N GLN A 92 -12.88 -23.53 -16.22
CA GLN A 92 -13.02 -24.91 -16.71
C GLN A 92 -14.37 -25.53 -16.38
N SER A 93 -15.08 -24.96 -15.41
CA SER A 93 -16.38 -25.52 -14.98
C SER A 93 -17.50 -25.14 -15.94
N SER A 94 -18.68 -25.74 -15.72
CA SER A 94 -19.86 -25.42 -16.52
C SER A 94 -20.28 -23.96 -16.25
N GLU A 95 -19.96 -23.45 -15.05
CA GLU A 95 -20.23 -22.05 -14.69
C GLU A 95 -19.45 -21.10 -15.61
N GLY A 96 -18.30 -21.56 -16.11
CA GLY A 96 -17.49 -20.77 -17.04
C GLY A 96 -17.73 -21.09 -18.51
N SER A 97 -18.91 -21.64 -18.85
CA SER A 97 -19.20 -22.07 -20.24
C SER A 97 -19.06 -20.98 -21.31
N ALA A 98 -19.21 -19.70 -20.94
CA ALA A 98 -19.02 -18.60 -21.90
C ALA A 98 -17.54 -18.42 -22.26
N VAL A 99 -16.65 -19.06 -21.53
CA VAL A 99 -15.19 -18.89 -21.78
C VAL A 99 -14.65 -19.93 -22.77
N ARG A 100 -14.15 -19.45 -23.91
CA ARG A 100 -13.57 -20.33 -24.93
C ARG A 100 -12.19 -20.83 -24.53
N ALA A 101 -11.33 -19.92 -24.08
CA ALA A 101 -9.96 -20.29 -23.71
C ALA A 101 -9.39 -19.31 -22.72
N VAL A 102 -8.36 -19.75 -21.98
CA VAL A 102 -7.72 -18.89 -21.02
C VAL A 102 -6.22 -19.12 -20.98
N CYS A 103 -5.52 -18.17 -20.38
CA CYS A 103 -4.10 -18.27 -20.14
C CYS A 103 -3.77 -17.30 -19.03
N SER A 104 -2.62 -17.49 -18.41
CA SER A 104 -2.25 -16.69 -17.26
C SER A 104 -0.76 -16.59 -17.10
N GLU A 105 -0.33 -15.78 -16.13
N GLU A 105 -0.33 -15.77 -16.14
CA GLU A 105 1.09 -15.61 -15.83
CA GLU A 105 1.08 -15.62 -15.79
C GLU A 105 1.79 -16.95 -15.56
C GLU A 105 1.78 -16.95 -15.57
N GLU A 106 1.10 -17.86 -14.87
CA GLU A 106 1.66 -19.17 -14.55
C GLU A 106 1.78 -20.11 -15.74
N ASP A 107 0.88 -19.97 -16.70
CA ASP A 107 0.88 -20.79 -17.90
C ASP A 107 0.35 -19.90 -19.01
N ILE A 108 1.29 -19.36 -19.79
CA ILE A 108 0.96 -18.37 -20.79
C ILE A 108 0.35 -18.92 -22.08
N HIS A 109 0.33 -20.24 -22.22
CA HIS A 109 -0.22 -20.92 -23.39
C HIS A 109 -1.75 -20.90 -23.37
N LEU A 110 -2.38 -20.45 -24.45
CA LEU A 110 -3.83 -20.40 -24.52
C LEU A 110 -4.37 -21.83 -24.44
N GLN A 111 -5.31 -22.05 -23.53
CA GLN A 111 -5.87 -23.37 -23.31
C GLN A 111 -7.38 -23.33 -23.47
N GLU A 112 -7.90 -24.13 -24.39
CA GLU A 112 -9.34 -24.15 -24.68
C GLU A 112 -10.08 -24.82 -23.51
N CYS A 113 -11.09 -24.13 -23.00
N CYS A 113 -11.12 -24.18 -23.00
CA CYS A 113 -11.92 -24.63 -21.91
CA CYS A 113 -11.89 -24.79 -21.92
C CYS A 113 -13.24 -25.18 -22.45
C CYS A 113 -13.33 -25.13 -22.31
N HIS A 114 -13.91 -24.37 -23.26
CA HIS A 114 -15.26 -24.68 -23.79
C HIS A 114 -15.34 -24.38 -25.28
N LYS A 115 -15.56 -25.41 -26.10
CA LYS A 115 -15.65 -25.25 -27.57
C LYS A 115 -16.68 -24.22 -28.02
N ASN A 116 -17.79 -24.12 -27.30
CA ASN A 116 -18.86 -23.18 -27.63
C ASN A 116 -18.75 -21.85 -26.88
N GLY A 117 -17.66 -21.64 -26.14
CA GLY A 117 -17.46 -20.40 -25.42
C GLY A 117 -17.16 -19.26 -26.36
N GLU A 118 -17.34 -18.02 -25.89
CA GLU A 118 -17.05 -16.85 -26.71
C GLU A 118 -15.80 -16.08 -26.30
N PHE A 119 -15.50 -16.09 -25.00
CA PHE A 119 -14.45 -15.24 -24.50
C PHE A 119 -13.08 -15.88 -24.31
N ILE A 120 -12.06 -15.05 -24.49
CA ILE A 120 -10.68 -15.45 -24.21
C ILE A 120 -10.24 -14.57 -23.06
N LEU A 121 -9.73 -15.19 -22.01
CA LEU A 121 -9.30 -14.45 -20.84
C LEU A 121 -7.81 -14.63 -20.61
N CYS A 122 -7.13 -13.55 -20.31
CA CYS A 122 -5.71 -13.58 -19.96
C CYS A 122 -5.59 -12.87 -18.64
N TRP A 123 -5.10 -13.55 -17.61
CA TRP A 123 -5.06 -12.91 -16.30
C TRP A 123 -3.77 -13.04 -15.50
N ASP A 124 -3.62 -12.11 -14.55
CA ASP A 124 -2.56 -12.09 -13.56
C ASP A 124 -3.39 -12.29 -12.30
N PRO A 125 -3.34 -13.51 -11.71
N PRO A 125 -3.42 -13.52 -11.76
CA PRO A 125 -4.21 -13.85 -10.58
CA PRO A 125 -4.35 -13.75 -10.64
C PRO A 125 -3.96 -13.06 -9.31
C PRO A 125 -4.01 -13.06 -9.33
N LEU A 126 -2.70 -12.96 -8.90
N LEU A 126 -2.78 -12.60 -9.19
CA LEU A 126 -2.32 -12.26 -7.69
CA LEU A 126 -2.35 -11.96 -7.95
C LEU A 126 -1.00 -11.59 -7.95
C LEU A 126 -0.92 -11.49 -8.17
N ASP A 127 -1.05 -10.27 -8.13
N ASP A 127 -0.69 -10.18 -8.01
CA ASP A 127 0.14 -9.51 -8.43
CA ASP A 127 0.66 -9.66 -8.17
C ASP A 127 0.61 -8.71 -7.22
C ASP A 127 1.20 -9.16 -6.85
N GLY A 128 1.91 -8.76 -6.98
N GLY A 128 2.21 -8.32 -6.92
CA GLY A 128 2.56 -8.05 -5.85
CA GLY A 128 2.84 -7.82 -5.71
C GLY A 128 3.35 -9.00 -4.96
C GLY A 128 3.52 -8.91 -4.90
N SER A 129 4.12 -9.90 -5.58
CA SER A 129 4.83 -10.94 -4.85
C SER A 129 5.89 -10.41 -3.89
N SER A 130 6.52 -9.27 -4.20
CA SER A 130 7.57 -8.74 -3.31
C SER A 130 7.03 -7.96 -2.10
N ILE A 131 5.74 -7.65 -2.09
CA ILE A 131 5.14 -6.87 -0.97
C ILE A 131 4.00 -7.57 -0.24
N ILE A 132 3.54 -8.69 -0.77
CA ILE A 132 2.39 -9.39 -0.16
C ILE A 132 2.68 -9.78 1.29
N ASP A 133 3.92 -10.20 1.56
N ASP A 133 3.91 -10.20 1.56
CA ASP A 133 4.33 -10.60 2.91
CA ASP A 133 4.31 -10.60 2.93
C ASP A 133 4.27 -9.43 3.91
C ASP A 133 4.24 -9.43 3.91
N CYS A 134 4.38 -8.21 3.39
CA CYS A 134 4.31 -6.99 4.20
C CYS A 134 2.88 -6.53 4.52
N ASN A 135 1.88 -7.27 4.03
CA ASN A 135 0.47 -6.90 4.23
C ASN A 135 0.11 -5.57 3.57
N TRP A 136 0.78 -5.30 2.46
CA TRP A 136 0.51 -4.14 1.63
C TRP A 136 -0.53 -4.57 0.61
N ALA A 137 -1.19 -3.60 0.00
CA ALA A 137 -2.22 -3.91 -0.99
C ALA A 137 -1.61 -4.61 -2.22
N VAL A 138 -2.35 -5.56 -2.76
CA VAL A 138 -1.96 -6.33 -3.95
C VAL A 138 -3.16 -6.34 -4.88
N GLY A 139 -3.10 -7.08 -5.98
CA GLY A 139 -4.23 -7.07 -6.92
C GLY A 139 -4.24 -8.16 -7.96
N SER A 140 -5.28 -8.10 -8.80
CA SER A 140 -5.48 -9.01 -9.91
C SER A 140 -5.76 -8.18 -11.17
N ILE A 141 -5.43 -8.73 -12.33
CA ILE A 141 -5.66 -8.07 -13.61
C ILE A 141 -6.25 -9.10 -14.58
N VAL A 142 -7.30 -8.70 -15.30
CA VAL A 142 -7.94 -9.57 -16.28
C VAL A 142 -8.21 -8.80 -17.58
N SER A 143 -7.79 -9.41 -18.69
CA SER A 143 -7.97 -8.90 -20.04
C SER A 143 -9.00 -9.80 -20.72
N ILE A 144 -9.98 -9.20 -21.38
CA ILE A 144 -11.09 -9.95 -21.97
C ILE A 144 -11.25 -9.71 -23.47
N TRP A 145 -11.17 -10.78 -24.25
CA TRP A 145 -11.35 -10.74 -25.69
C TRP A 145 -12.59 -11.59 -26.01
N ARG A 146 -13.16 -11.37 -27.19
CA ARG A 146 -14.36 -12.09 -27.57
C ARG A 146 -14.33 -12.45 -29.06
N ILE A 147 -14.43 -13.73 -29.33
N ILE A 147 -14.45 -13.74 -29.34
CA ILE A 147 -14.41 -14.24 -30.69
CA ILE A 147 -14.42 -14.25 -30.70
C ILE A 147 -15.52 -13.60 -31.50
C ILE A 147 -15.53 -13.59 -31.50
N GLY A 148 -15.19 -13.15 -32.71
CA GLY A 148 -16.16 -12.48 -33.59
C GLY A 148 -16.27 -10.98 -33.35
N HIS A 149 -15.54 -10.46 -32.37
CA HIS A 149 -15.57 -9.03 -32.02
C HIS A 149 -14.20 -8.39 -32.27
N HIS A 150 -14.20 -7.16 -32.80
CA HIS A 150 -12.98 -6.42 -33.13
C HIS A 150 -12.05 -7.25 -34.03
N GLY A 151 -12.63 -8.07 -34.89
CA GLY A 151 -11.89 -8.91 -35.84
C GLY A 151 -11.08 -10.07 -35.27
N VAL A 152 -11.37 -10.44 -34.03
CA VAL A 152 -10.67 -11.57 -33.40
C VAL A 152 -11.41 -12.86 -33.70
N GLN A 153 -10.78 -13.74 -34.46
CA GLN A 153 -11.36 -15.04 -34.80
C GLN A 153 -10.53 -16.12 -34.15
N TRP A 154 -11.16 -17.26 -33.88
CA TRP A 154 -10.46 -18.36 -33.23
C TRP A 154 -9.42 -18.97 -34.17
N GLN A 155 -8.17 -18.97 -33.72
CA GLN A 155 -7.05 -19.56 -34.47
C GLN A 155 -6.20 -20.44 -33.55
N GLY A 156 -6.86 -21.14 -32.64
CA GLY A 156 -6.17 -22.00 -31.70
C GLY A 156 -5.19 -21.26 -30.81
N ALA A 157 -4.01 -21.86 -30.64
CA ALA A 157 -2.97 -21.32 -29.78
C ALA A 157 -2.52 -19.88 -30.13
N ASP A 158 -2.56 -19.53 -31.41
CA ASP A 158 -2.09 -18.21 -31.86
C ASP A 158 -3.17 -17.18 -32.06
N THR A 159 -4.34 -17.39 -31.46
CA THR A 159 -5.46 -16.46 -31.60
C THR A 159 -5.13 -14.99 -31.32
N LEU A 160 -4.26 -14.73 -30.35
CA LEU A 160 -3.96 -13.34 -29.95
C LEU A 160 -2.71 -12.75 -30.58
N ILE A 161 -1.97 -13.55 -31.34
CA ILE A 161 -0.75 -13.08 -31.99
C ILE A 161 -1.09 -11.99 -33.00
N GLN A 162 -0.37 -10.87 -32.90
CA GLN A 162 -0.57 -9.69 -33.77
C GLN A 162 -1.82 -8.87 -33.43
N LYS A 163 -2.54 -9.27 -32.39
CA LYS A 163 -3.65 -8.46 -31.89
C LYS A 163 -3.12 -7.29 -31.05
N THR A 164 -3.89 -6.20 -31.04
CA THR A 164 -3.56 -5.04 -30.21
C THR A 164 -4.62 -4.89 -29.11
N GLY A 165 -4.27 -4.10 -28.10
CA GLY A 165 -5.19 -3.81 -26.99
C GLY A 165 -6.54 -3.21 -27.42
N ARG A 166 -6.61 -2.55 -28.58
CA ARG A 166 -7.89 -1.97 -29.07
C ARG A 166 -8.89 -3.04 -29.46
N GLN A 167 -8.41 -4.28 -29.51
CA GLN A 167 -9.25 -5.41 -29.85
C GLN A 167 -9.85 -6.15 -28.66
N GLN A 168 -9.50 -5.72 -27.45
CA GLN A 168 -10.15 -6.24 -26.24
C GLN A 168 -11.58 -5.74 -26.18
N VAL A 169 -12.50 -6.52 -25.62
CA VAL A 169 -13.86 -6.02 -25.39
C VAL A 169 -14.00 -5.46 -23.96
N ALA A 170 -13.06 -5.79 -23.08
CA ALA A 170 -13.09 -5.31 -21.69
C ALA A 170 -11.83 -5.67 -20.92
N SER A 171 -11.65 -5.00 -19.79
CA SER A 171 -10.58 -5.32 -18.88
C SER A 171 -10.94 -4.83 -17.51
N LEU A 172 -10.27 -5.41 -16.52
CA LEU A 172 -10.48 -4.99 -15.19
C LEU A 172 -9.25 -5.22 -14.32
N ILE A 173 -9.15 -4.39 -13.28
CA ILE A 173 -8.18 -4.56 -12.22
C ILE A 173 -8.95 -4.60 -10.91
N VAL A 174 -8.41 -5.33 -9.94
CA VAL A 174 -8.96 -5.42 -8.60
C VAL A 174 -7.81 -5.24 -7.60
N VAL A 175 -8.04 -4.40 -6.60
CA VAL A 175 -7.07 -4.11 -5.54
C VAL A 175 -7.56 -4.72 -4.24
N TYR A 176 -6.72 -5.56 -3.63
CA TYR A 176 -7.01 -6.14 -2.33
C TYR A 176 -6.22 -5.34 -1.30
N GLY A 177 -6.94 -4.55 -0.51
CA GLY A 177 -6.38 -3.75 0.56
C GLY A 177 -7.30 -3.92 1.76
N PRO A 178 -7.43 -2.90 2.58
CA PRO A 178 -8.40 -3.00 3.69
C PRO A 178 -9.81 -3.27 3.16
N ARG A 179 -10.12 -2.73 1.97
CA ARG A 179 -11.37 -2.96 1.27
C ARG A 179 -10.95 -3.72 0.02
N THR A 180 -11.92 -4.06 -0.84
CA THR A 180 -11.62 -4.66 -2.13
C THR A 180 -12.23 -3.73 -3.13
N THR A 181 -11.41 -3.20 -4.04
CA THR A 181 -11.88 -2.23 -5.01
C THR A 181 -11.40 -2.63 -6.38
N GLY A 182 -11.67 -1.81 -7.37
CA GLY A 182 -11.23 -2.14 -8.72
C GLY A 182 -11.68 -1.13 -9.75
N VAL A 183 -11.33 -1.40 -11.00
CA VAL A 183 -11.74 -0.56 -12.10
C VAL A 183 -12.06 -1.48 -13.25
N VAL A 184 -13.15 -1.21 -13.95
CA VAL A 184 -13.51 -2.00 -15.14
C VAL A 184 -13.86 -1.06 -16.29
N ALA A 185 -13.53 -1.47 -17.51
CA ALA A 185 -13.90 -0.74 -18.70
C ALA A 185 -14.34 -1.71 -19.76
N VAL A 186 -15.29 -1.28 -20.58
CA VAL A 186 -15.83 -2.04 -21.69
C VAL A 186 -15.47 -1.28 -22.96
N ASN A 187 -15.02 -2.02 -23.98
CA ASN A 187 -14.58 -1.48 -25.27
C ASN A 187 -15.35 -2.20 -26.37
N VAL A 188 -16.56 -1.75 -26.63
CA VAL A 188 -17.41 -2.42 -27.62
C VAL A 188 -17.74 -1.56 -28.86
N ASP A 189 -17.29 -0.32 -28.89
CA ASP A 189 -17.56 0.52 -30.06
C ASP A 189 -16.71 0.10 -31.25
N ALA A 190 -17.27 0.21 -32.45
CA ALA A 190 -16.52 -0.13 -33.67
C ALA A 190 -15.20 0.63 -33.66
N GLY A 191 -14.13 -0.03 -34.10
CA GLY A 191 -12.79 0.58 -34.14
C GLY A 191 -12.03 0.54 -32.83
N GLY A 192 -12.72 0.20 -31.74
CA GLY A 192 -12.07 0.12 -30.45
C GLY A 192 -11.48 1.43 -29.95
N ILE A 193 -12.03 2.57 -30.38
N ILE A 193 -12.11 2.55 -30.36
CA ILE A 193 -11.53 3.85 -29.89
CA ILE A 193 -11.70 3.87 -29.92
C ILE A 193 -12.27 4.11 -28.57
C ILE A 193 -12.33 4.07 -28.55
N VAL A 194 -11.50 4.03 -27.50
CA VAL A 194 -12.00 4.15 -26.14
C VAL A 194 -12.48 5.55 -25.79
N LYS A 195 -13.70 5.67 -25.27
N LYS A 195 -13.75 5.60 -25.38
CA LYS A 195 -14.25 6.99 -24.91
CA LYS A 195 -14.41 6.81 -24.97
C LYS A 195 -13.87 7.41 -23.48
C LYS A 195 -14.00 7.11 -23.54
N GLU A 196 -13.46 8.67 -23.29
N GLU A 196 -13.56 8.35 -23.33
CA GLU A 196 -13.10 9.16 -21.98
CA GLU A 196 -13.11 8.80 -22.01
C GLU A 196 -14.32 9.16 -21.04
C GLU A 196 -14.31 9.00 -21.07
N GLY A 197 -14.08 8.77 -19.79
CA GLY A 197 -15.15 8.83 -18.77
C GLY A 197 -16.04 7.61 -18.75
N THR A 198 -15.54 6.50 -19.28
CA THR A 198 -16.27 5.25 -19.30
C THR A 198 -15.71 4.20 -18.35
N ALA A 199 -14.63 4.51 -17.64
CA ALA A 199 -14.09 3.59 -16.65
C ALA A 199 -14.97 3.66 -15.40
N LEU A 200 -15.25 2.51 -14.80
CA LEU A 200 -16.05 2.41 -13.58
C LEU A 200 -15.18 2.03 -12.40
N ASP A 201 -15.11 2.93 -11.40
CA ASP A 201 -14.38 2.66 -10.15
C ASP A 201 -15.34 1.83 -9.26
N LEU A 202 -14.81 0.73 -8.75
CA LEU A 202 -15.59 -0.24 -8.02
C LEU A 202 -15.19 -0.46 -6.58
N GLU A 203 -16.17 -0.88 -5.78
CA GLU A 203 -15.97 -1.20 -4.37
C GLU A 203 -16.82 -2.43 -3.99
N MET A 204 -16.21 -3.39 -3.31
CA MET A 204 -16.95 -4.57 -2.91
C MET A 204 -17.73 -4.37 -1.61
N LYS A 205 -18.96 -4.87 -1.59
N LYS A 205 -18.99 -4.75 -1.63
CA LYS A 205 -19.78 -4.90 -0.38
CA LYS A 205 -19.87 -4.67 -0.46
C LYS A 205 -19.85 -6.38 -0.02
C LYS A 205 -20.05 -6.09 0.03
N ASP A 206 -21.04 -6.98 0.02
N ASP A 206 -21.04 -6.78 -0.52
CA ASP A 206 -21.12 -8.41 0.31
CA ASP A 206 -21.25 -8.19 -0.17
C ASP A 206 -20.14 -9.16 -0.60
C ASP A 206 -20.01 -8.87 -0.74
N ASN A 207 -19.31 -10.00 -0.01
N ASN A 207 -19.63 -10.04 -0.24
CA ASN A 207 -18.27 -10.69 -0.78
CA ASN A 207 -18.45 -10.69 -0.80
C ASN A 207 -18.67 -11.01 -2.22
C ASN A 207 -18.70 -11.04 -2.26
N GLY A 208 -17.79 -10.65 -3.15
CA GLY A 208 -17.97 -10.91 -4.56
C GLY A 208 -18.91 -9.96 -5.30
N LYS A 209 -19.64 -9.10 -4.56
CA LYS A 209 -20.58 -8.15 -5.18
C LYS A 209 -20.12 -6.69 -5.05
N PHE A 210 -20.00 -6.03 -6.20
CA PHE A 210 -19.43 -4.70 -6.28
C PHE A 210 -20.44 -3.63 -6.65
N ILE A 211 -20.18 -2.43 -6.15
CA ILE A 211 -20.95 -1.27 -6.51
C ILE A 211 -19.98 -0.31 -7.19
N CYS A 212 -20.52 0.66 -7.92
CA CYS A 212 -19.69 1.66 -8.58
C CYS A 212 -19.57 2.88 -7.67
N ARG A 213 -18.33 3.30 -7.40
N ARG A 213 -18.34 3.33 -7.39
CA ARG A 213 -18.05 4.46 -6.53
CA ARG A 213 -18.12 4.53 -6.56
C ARG A 213 -17.73 5.74 -7.32
C ARG A 213 -18.12 5.80 -7.40
N GLY A 214 -17.76 5.65 -8.67
CA GLY A 214 -17.61 6.79 -9.55
C GLY A 214 -17.07 6.44 -10.93
N LYS A 215 -16.96 7.46 -11.78
CA LYS A 215 -16.41 7.35 -13.14
C LYS A 215 -15.23 8.31 -13.19
N PRO A 216 -14.03 7.82 -12.86
CA PRO A 216 -12.87 8.70 -12.78
C PRO A 216 -12.43 9.30 -14.09
N ILE A 217 -12.02 10.58 -14.02
CA ILE A 217 -11.45 11.29 -15.13
C ILE A 217 -10.05 11.72 -14.69
N ILE A 218 -9.03 11.12 -15.31
CA ILE A 218 -7.63 11.42 -14.97
C ILE A 218 -7.26 12.76 -15.59
N LYS A 219 -6.97 13.73 -14.73
CA LYS A 219 -6.66 15.06 -15.18
C LYS A 219 -5.32 15.09 -15.94
N PRO A 220 -5.16 16.03 -16.87
CA PRO A 220 -3.94 16.10 -17.66
C PRO A 220 -2.72 16.49 -16.84
N GLN A 221 -2.94 17.20 -15.73
CA GLN A 221 -1.85 17.59 -14.85
C GLN A 221 -1.77 16.61 -13.68
N ALA A 222 -0.55 16.29 -13.27
CA ALA A 222 -0.33 15.34 -12.17
C ALA A 222 0.45 15.97 -11.05
N LYS A 223 0.24 15.41 -9.86
CA LYS A 223 0.96 15.79 -8.66
C LYS A 223 1.78 14.59 -8.17
N ILE A 224 1.25 13.38 -8.36
CA ILE A 224 1.90 12.15 -7.92
C ILE A 224 2.72 11.51 -9.01
N PHE A 225 3.89 10.98 -8.64
CA PHE A 225 4.68 10.17 -9.56
C PHE A 225 5.01 8.85 -8.89
N SER A 226 5.07 7.79 -9.70
CA SER A 226 5.24 6.44 -9.21
C SER A 226 6.26 5.76 -10.13
N PRO A 227 7.55 5.81 -9.76
CA PRO A 227 8.63 5.32 -10.62
C PRO A 227 9.03 3.85 -10.41
N ALA A 228 8.48 2.97 -11.25
CA ALA A 228 8.79 1.54 -11.17
C ALA A 228 10.08 1.24 -11.93
N ASN A 229 10.61 0.03 -11.71
CA ASN A 229 11.86 -0.39 -12.35
C ASN A 229 12.90 0.72 -12.22
N LEU A 230 12.96 1.30 -11.02
CA LEU A 230 13.82 2.45 -10.79
C LEU A 230 15.26 2.23 -11.22
N ARG A 231 15.78 1.03 -11.01
N ARG A 231 15.76 1.02 -11.02
CA ARG A 231 17.17 0.75 -11.38
CA ARG A 231 17.14 0.67 -11.38
C ARG A 231 17.47 0.99 -12.86
C ARG A 231 17.47 0.97 -12.84
N ALA A 232 16.45 0.97 -13.71
CA ALA A 232 16.65 1.27 -15.15
C ALA A 232 17.24 2.66 -15.34
N ALA A 233 16.87 3.58 -14.44
CA ALA A 233 17.38 4.96 -14.50
C ALA A 233 18.90 5.01 -14.53
N GLN A 234 19.54 4.02 -13.91
CA GLN A 234 21.01 3.98 -13.83
C GLN A 234 21.70 3.72 -15.18
N ASP A 235 20.97 3.22 -16.18
CA ASP A 235 21.53 3.12 -17.53
C ASP A 235 20.56 3.64 -18.56
N LEU A 236 19.66 4.52 -18.12
CA LEU A 236 18.69 5.15 -19.01
C LEU A 236 18.60 6.61 -18.59
N PRO A 237 19.51 7.45 -19.10
CA PRO A 237 19.56 8.85 -18.72
C PRO A 237 18.25 9.61 -18.73
N ALA A 238 17.40 9.37 -19.73
CA ALA A 238 16.12 10.06 -19.82
C ALA A 238 15.24 9.79 -18.61
N TYR A 239 15.24 8.55 -18.11
CA TYR A 239 14.43 8.21 -16.95
C TYR A 239 15.00 8.86 -15.70
N LYS A 240 16.32 8.81 -15.54
CA LYS A 240 16.95 9.43 -14.38
C LYS A 240 16.60 10.92 -14.34
N GLN A 241 16.71 11.58 -15.49
CA GLN A 241 16.45 13.02 -15.58
C GLN A 241 14.98 13.34 -15.29
N LEU A 242 14.07 12.50 -15.75
N LEU A 242 14.05 12.50 -15.76
CA LEU A 242 12.65 12.69 -15.51
CA LEU A 242 12.63 12.69 -15.46
C LEU A 242 12.33 12.58 -14.00
C LEU A 242 12.38 12.61 -13.96
N ILE A 243 12.92 11.58 -13.34
CA ILE A 243 12.78 11.40 -11.91
C ILE A 243 13.37 12.62 -11.17
N GLU A 244 14.53 13.08 -11.60
CA GLU A 244 15.16 14.26 -10.96
C GLU A 244 14.26 15.47 -11.10
N PHE A 245 13.66 15.62 -12.27
CA PHE A 245 12.74 16.72 -12.51
C PHE A 245 11.52 16.63 -11.57
N TRP A 246 10.92 15.45 -11.49
CA TRP A 246 9.76 15.27 -10.60
C TRP A 246 10.10 15.61 -9.17
N MET A 247 11.30 15.22 -8.74
N MET A 247 11.29 15.23 -8.72
CA MET A 247 11.74 15.55 -7.39
CA MET A 247 11.70 15.57 -7.36
C MET A 247 11.97 17.05 -7.22
C MET A 247 11.96 17.06 -7.21
N GLU A 248 12.64 17.66 -8.18
CA GLU A 248 12.95 19.11 -8.12
C GLU A 248 11.68 19.97 -8.14
N LYS A 249 10.65 19.50 -8.84
CA LYS A 249 9.36 20.19 -8.92
C LYS A 249 8.39 19.81 -7.79
N ARG A 250 8.89 19.01 -6.85
N ARG A 250 8.89 19.03 -6.83
CA ARG A 250 8.15 18.61 -5.65
CA ARG A 250 8.13 18.64 -5.64
C ARG A 250 6.87 17.82 -5.90
C ARG A 250 6.86 17.84 -5.91
N TYR A 251 6.94 16.93 -6.88
CA TYR A 251 5.82 16.01 -7.15
C TYR A 251 5.81 15.09 -5.94
N THR A 252 4.66 14.48 -5.68
CA THR A 252 4.51 13.61 -4.53
C THR A 252 4.85 12.16 -4.91
N LEU A 253 5.78 11.55 -4.18
CA LEU A 253 6.16 10.16 -4.47
C LEU A 253 5.22 9.15 -3.82
N ARG A 254 4.68 8.22 -4.62
CA ARG A 254 3.79 7.15 -4.14
C ARG A 254 4.10 5.93 -4.96
N TYR A 255 4.78 4.97 -4.35
CA TYR A 255 5.25 3.80 -5.07
C TYR A 255 5.33 2.59 -4.15
N THR A 256 4.33 1.71 -4.25
CA THR A 256 4.30 0.56 -3.34
C THR A 256 5.07 -0.64 -3.85
N GLY A 257 5.32 -0.71 -5.15
CA GLY A 257 5.96 -1.89 -5.73
C GLY A 257 4.96 -2.93 -6.23
N GLY A 258 3.67 -2.70 -5.99
CA GLY A 258 2.60 -3.56 -6.48
C GLY A 258 1.96 -2.85 -7.66
N LEU A 259 2.09 -3.44 -8.85
CA LEU A 259 1.59 -2.79 -10.06
C LEU A 259 0.15 -2.29 -9.96
N VAL A 260 -0.74 -3.16 -9.50
CA VAL A 260 -2.18 -2.84 -9.45
C VAL A 260 -2.46 -1.65 -8.53
N PRO A 261 -2.01 -1.70 -7.27
CA PRO A 261 -2.26 -0.52 -6.42
C PRO A 261 -1.55 0.72 -6.92
N ASP A 262 -0.37 0.56 -7.52
CA ASP A 262 0.40 1.71 -8.04
C ASP A 262 -0.30 2.45 -9.18
N VAL A 263 -1.09 1.74 -10.00
CA VAL A 263 -1.86 2.42 -11.03
C VAL A 263 -3.27 2.81 -10.53
N TYR A 264 -3.84 2.02 -9.62
CA TYR A 264 -5.19 2.29 -9.09
C TYR A 264 -5.29 3.66 -8.47
N GLN A 265 -4.21 4.09 -7.79
CA GLN A 265 -4.22 5.40 -7.15
C GLN A 265 -4.50 6.54 -8.14
N ILE A 266 -4.05 6.37 -9.39
CA ILE A 266 -4.24 7.38 -10.42
C ILE A 266 -5.74 7.62 -10.69
N PHE A 267 -6.50 6.54 -10.69
CA PHE A 267 -7.95 6.63 -10.87
C PHE A 267 -8.62 7.32 -9.69
N VAL A 268 -8.23 6.93 -8.47
CA VAL A 268 -8.84 7.49 -7.27
C VAL A 268 -8.52 8.95 -7.09
N LYS A 269 -7.26 9.29 -7.27
CA LYS A 269 -6.82 10.67 -7.11
C LYS A 269 -7.15 11.53 -8.34
N GLN A 270 -7.50 10.86 -9.44
CA GLN A 270 -7.83 11.53 -10.71
C GLN A 270 -6.65 12.34 -11.25
N GLN A 271 -5.46 11.86 -10.96
CA GLN A 271 -4.20 12.44 -11.41
C GLN A 271 -3.06 11.57 -10.99
N GLY A 272 -1.94 11.69 -11.70
CA GLY A 272 -0.72 10.95 -11.38
C GLY A 272 -0.10 10.29 -12.58
N VAL A 273 1.17 9.90 -12.43
CA VAL A 273 1.90 9.23 -13.49
C VAL A 273 2.69 8.06 -12.92
N PHE A 274 2.50 6.90 -13.54
CA PHE A 274 3.19 5.67 -13.22
C PHE A 274 4.12 5.38 -14.38
N CYS A 275 5.38 5.02 -14.09
N CYS A 275 5.36 4.98 -14.11
CA CYS A 275 6.35 4.68 -15.13
CA CYS A 275 6.32 4.71 -15.18
C CYS A 275 7.05 3.36 -14.85
C CYS A 275 7.15 3.45 -14.92
N ASN A 276 7.11 2.52 -15.88
CA ASN A 276 7.88 1.28 -15.80
C ASN A 276 8.61 1.16 -17.14
N PRO A 277 9.73 1.88 -17.29
CA PRO A 277 10.46 1.84 -18.55
C PRO A 277 11.44 0.70 -18.67
N ALA A 278 11.99 0.53 -19.88
CA ALA A 278 12.96 -0.51 -20.19
C ALA A 278 14.33 0.07 -20.48
N SER A 279 15.37 -0.53 -19.92
CA SER A 279 16.76 -0.16 -20.24
C SER A 279 17.45 -1.46 -20.59
N LYS A 280 18.69 -1.36 -21.07
N LYS A 280 18.69 -1.36 -21.07
CA LYS A 280 19.44 -2.56 -21.45
CA LYS A 280 19.45 -2.53 -21.46
C LYS A 280 19.76 -3.44 -20.25
C LYS A 280 19.79 -3.43 -20.27
N ALA A 281 20.19 -2.84 -19.15
CA ALA A 281 20.55 -3.59 -17.94
C ALA A 281 19.32 -4.01 -17.10
N ALA A 282 18.22 -3.29 -17.28
CA ALA A 282 16.97 -3.52 -16.56
C ALA A 282 15.82 -3.53 -17.57
N PRO A 283 15.69 -4.64 -18.29
CA PRO A 283 14.66 -4.71 -19.34
C PRO A 283 13.23 -4.73 -18.81
N ALA A 284 12.29 -4.49 -19.72
CA ALA A 284 10.87 -4.54 -19.40
C ALA A 284 10.52 -5.92 -18.92
N LYS A 285 9.80 -6.00 -17.80
CA LYS A 285 9.34 -7.27 -17.26
C LYS A 285 7.82 -7.41 -17.34
N LEU A 286 7.10 -6.29 -17.50
CA LEU A 286 5.64 -6.33 -17.53
C LEU A 286 5.17 -7.06 -18.77
N ARG A 287 4.24 -8.01 -18.59
CA ARG A 287 3.73 -8.77 -19.72
C ARG A 287 2.56 -8.12 -20.41
N MET A 288 2.67 -8.02 -21.73
CA MET A 288 1.61 -7.48 -22.56
C MET A 288 0.26 -8.14 -22.31
N CYS A 289 0.23 -9.46 -22.40
CA CYS A 289 -1.02 -10.17 -22.32
C CYS A 289 -1.67 -10.26 -20.95
N PHE A 290 -0.86 -10.19 -19.90
CA PHE A 290 -1.35 -10.44 -18.56
C PHE A 290 -1.43 -9.24 -17.64
N GLU A 291 -0.68 -8.20 -17.98
N GLU A 291 -0.72 -8.17 -18.01
CA GLU A 291 -0.66 -6.97 -17.18
CA GLU A 291 -0.67 -6.98 -17.19
C GLU A 291 -0.94 -5.72 -17.98
C GLU A 291 -0.91 -5.69 -17.95
N VAL A 292 -0.16 -5.49 -19.02
CA VAL A 292 -0.18 -4.25 -19.76
C VAL A 292 -1.42 -3.85 -20.53
N LEU A 293 -1.93 -4.73 -21.38
CA LEU A 293 -3.09 -4.37 -22.21
C LEU A 293 -4.35 -4.05 -21.39
N ALA A 294 -4.57 -4.81 -20.31
CA ALA A 294 -5.71 -4.62 -19.43
C ALA A 294 -5.64 -3.24 -18.76
N ILE A 295 -4.46 -2.91 -18.22
CA ILE A 295 -4.26 -1.60 -17.58
C ILE A 295 -4.40 -0.45 -18.57
N ALA A 296 -3.87 -0.62 -19.78
CA ALA A 296 -3.95 0.41 -20.79
C ALA A 296 -5.41 0.76 -21.13
N LEU A 297 -6.26 -0.26 -21.21
CA LEU A 297 -7.65 -0.01 -21.55
C LEU A 297 -8.37 0.77 -20.45
N VAL A 298 -8.23 0.35 -19.18
CA VAL A 298 -8.89 1.11 -18.08
C VAL A 298 -8.36 2.54 -17.97
N VAL A 299 -7.06 2.72 -18.10
CA VAL A 299 -6.49 4.09 -18.04
C VAL A 299 -7.06 4.98 -19.15
N GLU A 300 -7.06 4.50 -20.40
CA GLU A 300 -7.54 5.33 -21.50
C GLU A 300 -9.05 5.55 -21.37
N ALA A 301 -9.77 4.58 -20.83
CA ALA A 301 -11.22 4.74 -20.60
C ALA A 301 -11.49 5.86 -19.57
N ALA A 302 -10.51 6.14 -18.71
CA ALA A 302 -10.61 7.20 -17.72
C ALA A 302 -9.97 8.51 -18.20
N GLY A 303 -9.59 8.54 -19.48
CA GLY A 303 -9.01 9.74 -20.07
C GLY A 303 -7.52 9.91 -19.86
N GLY A 304 -6.88 8.93 -19.24
CA GLY A 304 -5.43 9.00 -19.06
C GLY A 304 -4.77 8.59 -20.37
N ARG A 305 -3.46 8.78 -20.46
CA ARG A 305 -2.71 8.33 -21.63
C ARG A 305 -1.81 7.17 -21.23
N THR A 306 -1.35 6.43 -22.22
CA THR A 306 -0.40 5.36 -21.97
C THR A 306 0.66 5.47 -23.02
N SER A 307 1.85 4.97 -22.71
CA SER A 307 2.94 4.98 -23.64
C SER A 307 4.02 3.97 -23.29
N ASN A 308 4.67 3.47 -24.35
CA ASN A 308 5.83 2.57 -24.21
C ASN A 308 7.09 3.37 -24.52
N GLY A 309 6.92 4.69 -24.58
CA GLY A 309 7.99 5.59 -24.91
C GLY A 309 7.70 6.31 -26.22
N GLN A 310 6.93 5.67 -27.10
N GLN A 310 6.96 5.65 -27.12
CA GLN A 310 6.59 6.25 -28.40
CA GLN A 310 6.60 6.19 -28.43
C GLN A 310 5.11 6.24 -28.77
C GLN A 310 5.11 6.25 -28.75
N LYS A 311 4.33 5.28 -28.26
CA LYS A 311 2.90 5.20 -28.60
C LYS A 311 2.04 4.51 -27.58
N SER A 312 0.74 4.63 -27.77
CA SER A 312 -0.22 4.01 -26.85
C SER A 312 -0.06 2.49 -26.77
N LEU A 313 -0.18 1.94 -25.56
CA LEU A 313 -0.12 0.50 -25.36
C LEU A 313 -1.32 -0.23 -25.93
N LEU A 314 -2.31 0.51 -26.42
CA LEU A 314 -3.43 -0.12 -27.07
C LEU A 314 -3.14 -0.30 -28.55
N ASP A 315 -2.01 0.23 -29.03
CA ASP A 315 -1.68 0.13 -30.47
C ASP A 315 -0.41 -0.70 -30.74
N VAL A 316 0.02 -1.49 -29.75
CA VAL A 316 1.22 -2.33 -29.89
C VAL A 316 0.79 -3.79 -30.07
N ALA A 317 1.13 -4.36 -31.22
CA ALA A 317 0.76 -5.73 -31.53
C ALA A 317 1.47 -6.72 -30.62
N ILE A 318 0.73 -7.76 -30.25
CA ILE A 318 1.24 -8.86 -29.46
C ILE A 318 2.13 -9.70 -30.40
N GLU A 319 3.39 -9.87 -30.04
N GLU A 319 3.41 -9.82 -30.08
CA GLU A 319 4.35 -10.59 -30.88
CA GLU A 319 4.35 -10.57 -30.93
C GLU A 319 4.52 -12.03 -30.42
C GLU A 319 4.36 -12.05 -30.54
N HIS A 320 4.21 -12.28 -29.16
N HIS A 320 4.24 -12.30 -29.25
CA HIS A 320 4.41 -13.59 -28.56
CA HIS A 320 4.20 -13.65 -28.70
C HIS A 320 3.66 -13.55 -27.25
C HIS A 320 3.60 -13.56 -27.31
N MET A 321 3.20 -14.71 -26.77
CA MET A 321 2.49 -14.73 -25.49
C MET A 321 3.33 -14.22 -24.30
N ASP A 322 4.65 -14.35 -24.39
CA ASP A 322 5.53 -13.86 -23.32
C ASP A 322 6.08 -12.45 -23.60
N HIS A 323 5.54 -11.77 -24.62
CA HIS A 323 5.95 -10.42 -25.02
C HIS A 323 5.93 -9.49 -23.79
N ARG A 324 7.05 -8.81 -23.54
CA ARG A 324 7.16 -7.87 -22.42
C ARG A 324 7.22 -6.44 -22.94
N SER A 325 6.75 -5.49 -22.16
CA SER A 325 6.75 -4.09 -22.61
C SER A 325 6.87 -3.08 -21.49
N ALA A 326 7.48 -1.94 -21.82
CA ALA A 326 7.50 -0.79 -20.93
C ALA A 326 6.04 -0.30 -20.84
N LEU A 327 5.70 0.32 -19.73
CA LEU A 327 4.39 0.90 -19.54
C LEU A 327 4.47 2.15 -18.70
N CYS A 328 4.07 3.26 -19.29
N CYS A 328 4.08 3.27 -19.29
CA CYS A 328 3.93 4.52 -18.59
CA CYS A 328 3.95 4.54 -18.58
C CYS A 328 2.49 4.91 -18.78
C CYS A 328 2.50 4.92 -18.77
N CYS A 329 1.83 5.36 -17.71
CA CYS A 329 0.40 5.71 -17.82
C CYS A 329 -0.05 6.74 -16.79
N GLY A 330 -1.11 7.46 -17.12
CA GLY A 330 -1.70 8.47 -16.24
C GLY A 330 -1.95 9.81 -16.92
N SER A 331 -1.75 10.88 -16.16
CA SER A 331 -1.97 12.25 -16.61
C SER A 331 -1.25 12.56 -17.94
N ALA A 332 -2.04 13.02 -18.91
CA ALA A 332 -1.57 13.29 -20.27
C ALA A 332 -0.31 14.12 -20.37
N ASP A 333 -0.22 15.20 -19.60
CA ASP A 333 0.96 16.08 -19.67
C ASP A 333 2.25 15.38 -19.26
N GLU A 334 2.17 14.42 -18.34
CA GLU A 334 3.39 13.72 -17.90
C GLU A 334 3.80 12.64 -18.90
N ILE A 335 2.83 12.04 -19.56
CA ILE A 335 3.13 11.06 -20.61
C ILE A 335 3.78 11.84 -21.76
N LYS A 336 3.27 13.03 -22.04
CA LYS A 336 3.86 13.89 -23.06
C LYS A 336 5.29 14.25 -22.65
N ARG A 337 5.47 14.61 -21.39
CA ARG A 337 6.80 14.95 -20.89
C ARG A 337 7.78 13.78 -21.02
N MET A 338 7.30 12.59 -20.69
CA MET A 338 8.12 11.39 -20.76
C MET A 338 8.55 11.10 -22.21
N GLU A 339 7.60 11.14 -23.15
CA GLU A 339 7.94 10.87 -24.55
C GLU A 339 8.96 11.88 -25.09
N GLU A 340 8.75 13.16 -24.80
CA GLU A 340 9.66 14.23 -25.24
C GLU A 340 11.08 14.13 -24.61
N THR A 341 11.13 13.74 -23.35
CA THR A 341 12.41 13.60 -22.64
C THR A 341 13.18 12.36 -23.13
N PHE A 342 12.47 11.26 -23.29
CA PHE A 342 13.10 10.02 -23.79
C PHE A 342 13.69 10.25 -25.17
N ALA A 343 13.09 11.14 -25.96
CA ALA A 343 13.60 11.43 -27.29
C ALA A 343 14.83 12.35 -27.20
N ALA A 344 14.68 13.48 -26.52
CA ALA A 344 15.75 14.47 -26.40
C ALA A 344 17.02 13.94 -25.71
N LEU A 345 16.83 13.19 -24.63
CA LEU A 345 17.93 12.65 -23.84
C LEU A 345 18.21 11.17 -24.13
N SER A 346 18.00 10.76 -25.37
CA SER A 346 18.23 9.37 -25.75
C SER A 346 19.73 9.09 -25.73
N GLY A 347 20.00 8.05 -24.93
N GLY A 347 20.26 8.14 -24.96
CA GLY A 347 21.32 7.49 -24.63
CA GLY A 347 21.74 7.95 -25.01
C GLY A 347 21.16 6.37 -23.58
C GLY A 347 22.15 7.12 -26.22
N ALA B 23 6.23 -17.61 16.52
CA ALA B 23 6.34 -18.55 17.67
C ALA B 23 4.97 -19.17 18.00
N LEU B 24 4.87 -20.50 17.89
CA LEU B 24 3.61 -21.21 18.15
C LEU B 24 2.91 -20.96 19.51
N PRO B 25 3.69 -20.62 20.58
CA PRO B 25 3.00 -20.34 21.84
C PRO B 25 2.03 -19.18 21.67
N SER B 26 1.03 -19.08 22.54
CA SER B 26 0.03 -18.02 22.45
C SER B 26 0.66 -16.65 22.69
N LEU B 27 0.01 -15.62 22.18
CA LEU B 27 0.50 -14.27 22.35
C LEU B 27 0.51 -13.93 23.84
N ASP B 28 -0.50 -14.41 24.56
CA ASP B 28 -0.57 -14.19 26.01
C ASP B 28 0.70 -14.72 26.69
N GLN B 29 1.08 -15.95 26.37
CA GLN B 29 2.28 -16.57 26.94
C GLN B 29 3.54 -15.82 26.53
N LEU B 30 3.62 -15.41 25.28
CA LEU B 30 4.79 -14.70 24.78
C LEU B 30 4.98 -13.34 25.45
N LEU B 31 3.89 -12.64 25.69
CA LEU B 31 3.94 -11.35 26.34
C LEU B 31 4.44 -11.52 27.77
N LYS B 32 3.96 -12.55 28.46
CA LYS B 32 4.42 -12.78 29.81
C LYS B 32 5.89 -13.18 29.82
N GLU B 33 6.33 -13.91 28.80
CA GLU B 33 7.74 -14.30 28.70
C GLU B 33 8.62 -13.05 28.48
N GLN B 34 8.04 -12.00 27.91
CA GLN B 34 8.76 -10.74 27.70
C GLN B 34 8.73 -9.85 28.94
N GLY B 35 8.04 -10.30 29.99
CA GLY B 35 8.00 -9.58 31.25
C GLY B 35 6.71 -8.85 31.57
N ALA B 36 5.74 -8.88 30.67
CA ALA B 36 4.45 -8.24 30.93
C ALA B 36 3.71 -9.01 32.01
N ASP B 37 3.08 -8.30 32.95
CA ASP B 37 2.28 -8.99 33.95
C ASP B 37 0.91 -9.25 33.29
N GLN B 38 0.00 -9.92 33.99
CA GLN B 38 -1.30 -10.24 33.37
C GLN B 38 -2.02 -8.95 33.02
N THR B 39 -1.89 -7.92 33.85
CA THR B 39 -2.56 -6.65 33.60
C THR B 39 -2.12 -6.01 32.28
N LEU B 40 -0.82 -5.90 32.06
CA LEU B 40 -0.32 -5.34 30.80
C LEU B 40 -0.66 -6.25 29.63
N THR B 41 -0.55 -7.57 29.83
CA THR B 41 -0.88 -8.52 28.76
C THR B 41 -2.35 -8.32 28.34
N ASP B 42 -3.26 -8.33 29.31
CA ASP B 42 -4.69 -8.11 29.02
C ASP B 42 -4.97 -6.79 28.31
N LEU B 43 -4.28 -5.73 28.71
CA LEU B 43 -4.47 -4.41 28.10
C LEU B 43 -4.07 -4.46 26.63
N ILE B 44 -2.91 -5.04 26.35
CA ILE B 44 -2.43 -5.17 24.96
C ILE B 44 -3.44 -5.97 24.11
N LEU B 45 -3.88 -7.10 24.63
CA LEU B 45 -4.87 -7.93 23.94
C LEU B 45 -6.20 -7.15 23.70
N ALA B 46 -6.62 -6.34 24.68
CA ALA B 46 -7.85 -5.55 24.53
C ALA B 46 -7.66 -4.48 23.46
N ILE B 47 -6.49 -3.84 23.44
CA ILE B 47 -6.20 -2.83 22.42
C ILE B 47 -6.19 -3.45 21.03
N LEU B 48 -5.52 -4.59 20.89
CA LEU B 48 -5.51 -5.31 19.63
C LEU B 48 -6.93 -5.67 19.19
N ASP B 49 -7.77 -6.09 20.13
CA ASP B 49 -9.13 -6.41 19.76
C ASP B 49 -9.86 -5.18 19.19
N ARG B 50 -9.66 -4.01 19.76
CA ARG B 50 -10.26 -2.79 19.19
C ARG B 50 -9.69 -2.50 17.81
N CYS B 51 -8.42 -2.80 17.60
CA CYS B 51 -7.81 -2.61 16.28
C CYS B 51 -8.46 -3.57 15.27
N GLY B 52 -8.81 -4.78 15.73
CA GLY B 52 -9.53 -5.75 14.90
C GLY B 52 -10.87 -5.16 14.47
N LYS B 53 -11.51 -4.41 15.36
CA LYS B 53 -12.78 -3.77 15.05
C LYS B 53 -12.58 -2.61 14.04
N ILE B 54 -11.44 -1.93 14.10
CA ILE B 54 -11.11 -0.90 13.12
C ILE B 54 -10.94 -1.60 11.76
N ALA B 55 -10.29 -2.76 11.76
CA ALA B 55 -10.12 -3.52 10.51
C ALA B 55 -11.47 -3.84 9.85
N SER B 56 -12.45 -4.23 10.67
CA SER B 56 -13.82 -4.49 10.16
C SER B 56 -14.49 -3.24 9.62
N ALA B 57 -14.37 -2.12 10.35
CA ALA B 57 -14.96 -0.86 9.91
C ALA B 57 -14.41 -0.49 8.54
N LEU B 58 -13.10 -0.61 8.37
CA LEU B 58 -12.46 -0.26 7.08
C LEU B 58 -12.97 -1.09 5.90
N GLN B 59 -13.19 -2.37 6.16
CA GLN B 59 -13.62 -3.32 5.16
C GLN B 59 -15.04 -3.07 4.64
N GLY B 60 -15.90 -2.51 5.48
CA GLY B 60 -17.29 -2.24 5.10
C GLY B 60 -17.71 -0.80 4.93
N THR B 61 -16.83 0.15 5.23
CA THR B 61 -17.16 1.57 5.11
C THR B 61 -16.56 2.21 3.87
N SER B 62 -17.42 2.80 3.04
CA SER B 62 -16.97 3.48 1.83
C SER B 62 -16.18 4.75 2.19
N VAL B 63 -15.54 5.33 1.19
CA VAL B 63 -14.84 6.60 1.36
C VAL B 63 -15.90 7.71 1.35
N ASP B 64 -16.18 8.26 2.52
CA ASP B 64 -17.19 9.31 2.67
C ASP B 64 -16.58 10.47 3.46
N LYS B 65 -16.46 11.63 2.82
CA LYS B 65 -15.86 12.81 3.47
C LYS B 65 -16.76 13.42 4.54
N VAL B 66 -16.17 13.74 5.69
CA VAL B 66 -16.89 14.34 6.81
C VAL B 66 -17.10 15.83 6.56
N GLY B 67 -16.27 16.42 5.70
CA GLY B 67 -16.37 17.85 5.35
C GLY B 67 -15.36 18.73 6.05
N SER B 68 -14.19 18.17 6.38
CA SER B 68 -13.13 18.91 7.06
C SER B 68 -11.77 18.28 6.78
N VAL B 69 -10.83 19.08 6.27
CA VAL B 69 -9.49 18.60 5.97
C VAL B 69 -8.59 18.67 7.21
N ASN B 70 -7.60 17.79 7.27
CA ASN B 70 -6.66 17.78 8.40
C ASN B 70 -5.58 18.84 8.16
N GLU B 71 -4.54 18.83 8.99
CA GLU B 71 -3.45 19.81 8.87
C GLU B 71 -2.62 19.70 7.57
N PHE B 72 -2.59 18.52 6.95
CA PHE B 72 -1.83 18.31 5.70
C PHE B 72 -2.70 18.71 4.49
N GLY B 73 -4.00 18.89 4.73
CA GLY B 73 -4.95 19.25 3.66
C GLY B 73 -5.73 18.05 3.18
N ASP B 74 -5.49 16.89 3.80
CA ASP B 74 -6.17 15.65 3.45
C ASP B 74 -7.58 15.61 4.04
N GLU B 75 -8.56 15.35 3.18
CA GLU B 75 -9.95 15.25 3.62
C GLU B 75 -10.10 14.13 4.66
N GLN B 76 -10.63 14.48 5.84
N GLN B 76 -10.63 14.48 5.84
CA GLN B 76 -10.87 13.48 6.88
CA GLN B 76 -10.86 13.49 6.89
C GLN B 76 -12.10 12.70 6.46
C GLN B 76 -12.12 12.71 6.53
N LEU B 77 -12.07 11.39 6.67
CA LEU B 77 -13.20 10.53 6.29
C LEU B 77 -13.97 10.02 7.51
N THR B 78 -15.14 9.44 7.26
CA THR B 78 -15.95 8.91 8.34
C THR B 78 -15.16 7.81 9.08
N VAL B 79 -14.34 7.05 8.34
CA VAL B 79 -13.56 5.96 8.94
C VAL B 79 -12.58 6.44 10.01
N ASP B 80 -12.01 7.64 9.84
CA ASP B 80 -11.12 8.22 10.85
C ASP B 80 -11.85 8.43 12.17
N VAL B 81 -13.06 8.97 12.10
CA VAL B 81 -13.85 9.23 13.30
C VAL B 81 -14.31 7.91 13.91
N ILE B 82 -14.69 6.96 13.06
CA ILE B 82 -15.11 5.65 13.55
C ILE B 82 -13.94 4.97 14.29
N ALA B 83 -12.75 5.04 13.70
CA ALA B 83 -11.55 4.45 14.31
C ALA B 83 -11.25 5.06 15.68
N GLU B 84 -11.25 6.39 15.75
CA GLU B 84 -11.04 7.12 17.00
C GLU B 84 -12.07 6.70 18.05
N ASN B 85 -13.34 6.67 17.63
CA ASN B 85 -14.43 6.31 18.55
C ASN B 85 -14.34 4.86 19.06
N LEU B 86 -13.90 3.94 18.22
CA LEU B 86 -13.73 2.55 18.65
C LEU B 86 -12.73 2.40 19.78
N LEU B 87 -11.63 3.16 19.71
CA LEU B 87 -10.62 3.14 20.75
C LEU B 87 -11.05 3.97 21.97
N ARG B 88 -11.55 5.16 21.72
N ARG B 88 -11.53 5.18 21.71
CA ARG B 88 -11.95 6.05 22.81
CA ARG B 88 -11.98 6.10 22.77
C ARG B 88 -13.12 5.47 23.63
C ARG B 88 -13.12 5.50 23.61
N SER B 89 -14.14 4.98 22.94
CA SER B 89 -15.31 4.41 23.64
C SER B 89 -14.91 3.22 24.52
N TRP B 90 -13.97 2.40 24.03
CA TRP B 90 -13.47 1.29 24.82
C TRP B 90 -12.74 1.80 26.06
N ALA B 91 -11.83 2.76 25.88
CA ALA B 91 -11.08 3.34 27.01
C ALA B 91 -12.01 3.90 28.08
N GLN B 92 -13.08 4.56 27.65
CA GLN B 92 -14.04 5.17 28.58
C GLN B 92 -14.99 4.16 29.26
N SER B 93 -15.14 2.97 28.67
CA SER B 93 -16.04 1.96 29.15
C SER B 93 -15.47 1.20 30.33
N SER B 94 -16.32 0.42 30.98
CA SER B 94 -15.86 -0.37 32.10
C SER B 94 -14.80 -1.40 31.65
N GLU B 95 -14.87 -1.85 30.39
N GLU B 95 -14.86 -1.86 30.41
CA GLU B 95 -13.89 -2.80 29.86
CA GLU B 95 -13.86 -2.81 29.92
C GLU B 95 -12.49 -2.19 29.76
C GLU B 95 -12.47 -2.19 29.93
N GLY B 96 -12.42 -0.87 29.77
CA GLY B 96 -11.16 -0.15 29.74
C GLY B 96 -10.76 0.43 31.09
N SER B 97 -11.25 -0.15 32.19
CA SER B 97 -11.00 0.34 33.55
C SER B 97 -9.52 0.50 33.93
N ALA B 98 -8.64 -0.28 33.29
CA ALA B 98 -7.21 -0.18 33.56
C ALA B 98 -6.58 1.11 33.00
N VAL B 99 -7.31 1.83 32.16
CA VAL B 99 -6.82 3.04 31.52
C VAL B 99 -7.13 4.29 32.34
N ARG B 100 -6.09 4.97 32.80
CA ARG B 100 -6.22 6.20 33.55
C ARG B 100 -6.65 7.34 32.63
N ALA B 101 -5.97 7.44 31.49
CA ALA B 101 -6.22 8.54 30.56
C ALA B 101 -5.73 8.25 29.17
N VAL B 102 -6.31 8.95 28.19
CA VAL B 102 -5.90 8.77 26.81
C VAL B 102 -5.80 10.10 26.09
N CYS B 103 -5.13 10.07 24.95
CA CYS B 103 -5.08 11.22 24.08
C CYS B 103 -4.78 10.71 22.68
N SER B 104 -5.05 11.54 21.68
CA SER B 104 -4.88 11.13 20.31
C SER B 104 -4.48 12.28 19.43
N GLU B 105 -4.23 11.97 18.16
CA GLU B 105 -3.92 13.01 17.18
C GLU B 105 -5.06 13.98 17.02
N GLU B 106 -6.30 13.52 17.23
N GLU B 106 -6.28 13.49 17.21
CA GLU B 106 -7.47 14.39 17.08
CA GLU B 106 -7.49 14.31 17.10
C GLU B 106 -7.72 15.26 18.30
C GLU B 106 -7.68 15.26 18.28
N ASP B 107 -7.20 14.85 19.46
CA ASP B 107 -7.30 15.63 20.69
C ASP B 107 -6.08 15.25 21.49
N ILE B 108 -5.03 16.07 21.39
CA ILE B 108 -3.73 15.76 21.99
C ILE B 108 -3.65 15.89 23.52
N HIS B 109 -4.67 16.44 24.17
CA HIS B 109 -4.61 16.67 25.62
C HIS B 109 -5.18 15.50 26.37
N LEU B 110 -4.48 15.06 27.42
CA LEU B 110 -4.93 13.91 28.21
C LEU B 110 -6.37 14.08 28.67
N GLN B 111 -7.16 13.03 28.45
CA GLN B 111 -8.54 12.95 28.87
C GLN B 111 -8.64 11.82 29.86
N GLU B 112 -9.10 12.10 31.09
CA GLU B 112 -9.20 11.05 32.09
C GLU B 112 -10.34 10.09 31.73
N CYS B 113 -10.09 8.81 31.98
CA CYS B 113 -11.05 7.75 31.72
C CYS B 113 -11.47 7.04 32.98
N HIS B 114 -10.50 6.64 33.79
CA HIS B 114 -10.78 5.92 35.04
C HIS B 114 -9.82 6.41 36.10
N LYS B 115 -10.39 6.95 37.17
CA LYS B 115 -9.62 7.52 38.27
C LYS B 115 -8.61 6.57 38.90
N ASN B 116 -8.89 5.27 38.86
CA ASN B 116 -8.00 4.27 39.44
C ASN B 116 -7.25 3.43 38.41
N GLY B 117 -7.33 3.84 37.15
CA GLY B 117 -6.60 3.15 36.07
C GLY B 117 -5.11 3.39 36.23
N GLU B 118 -4.30 2.53 35.62
CA GLU B 118 -2.84 2.66 35.70
C GLU B 118 -2.18 3.15 34.41
N PHE B 119 -2.84 2.94 33.28
CA PHE B 119 -2.20 3.25 32.00
C PHE B 119 -2.62 4.54 31.32
N ILE B 120 -1.65 5.12 30.62
CA ILE B 120 -1.86 6.29 29.78
C ILE B 120 -1.60 5.82 28.36
N LEU B 121 -2.58 6.04 27.48
CA LEU B 121 -2.46 5.64 26.10
C LEU B 121 -2.45 6.85 25.19
N CYS B 122 -1.52 6.86 24.23
CA CYS B 122 -1.44 7.93 23.22
C CYS B 122 -1.50 7.21 21.89
N TRP B 123 -2.49 7.53 21.07
CA TRP B 123 -2.66 6.80 19.85
C TRP B 123 -2.94 7.62 18.60
N ASP B 124 -2.63 6.98 17.45
CA ASP B 124 -2.94 7.47 16.12
C ASP B 124 -3.91 6.40 15.66
N PRO B 125 -5.20 6.71 15.67
CA PRO B 125 -6.20 5.67 15.42
C PRO B 125 -6.23 5.16 14.00
N LEU B 126 -5.95 6.02 13.03
N LEU B 126 -5.90 6.03 13.07
CA LEU B 126 -5.97 5.62 11.63
CA LEU B 126 -5.86 5.67 11.67
C LEU B 126 -5.00 6.45 10.83
C LEU B 126 -4.97 6.67 10.96
N ASP B 127 -3.80 5.92 10.68
N ASP B 127 -3.96 6.18 10.26
CA ASP B 127 -2.75 6.61 9.99
CA ASP B 127 -3.06 7.07 9.55
C ASP B 127 -2.74 6.31 8.49
C ASP B 127 -3.26 6.90 8.05
N GLY B 128 -2.57 7.33 7.66
N GLY B 128 -2.27 7.30 7.27
CA GLY B 128 -2.52 7.16 6.19
CA GLY B 128 -2.38 7.21 5.83
C GLY B 128 -3.62 7.91 5.46
C GLY B 128 -3.55 7.99 5.28
N SER B 129 -3.86 9.15 5.87
CA SER B 129 -4.99 9.95 5.35
C SER B 129 -4.88 10.27 3.85
N SER B 130 -3.66 10.37 3.33
CA SER B 130 -3.50 10.68 1.91
C SER B 130 -3.63 9.46 1.00
N ILE B 131 -3.69 8.25 1.55
CA ILE B 131 -3.76 7.03 0.72
C ILE B 131 -4.91 6.08 1.04
N ILE B 132 -5.66 6.36 2.12
CA ILE B 132 -6.75 5.49 2.50
C ILE B 132 -7.77 5.36 1.37
N ASP B 133 -8.05 6.46 0.67
CA ASP B 133 -9.01 6.44 -0.45
C ASP B 133 -8.57 5.54 -1.60
N CYS B 134 -7.26 5.35 -1.74
CA CYS B 134 -6.67 4.51 -2.78
C CYS B 134 -6.72 3.03 -2.45
N ASN B 135 -7.25 2.70 -1.27
CA ASN B 135 -7.35 1.33 -0.82
C ASN B 135 -5.97 0.70 -0.62
N TRP B 136 -5.01 1.53 -0.24
CA TRP B 136 -3.69 1.09 0.15
C TRP B 136 -3.72 0.75 1.64
N ALA B 137 -2.74 -0.03 2.09
CA ALA B 137 -2.62 -0.41 3.49
C ALA B 137 -2.42 0.84 4.34
N VAL B 138 -3.08 0.87 5.50
CA VAL B 138 -2.98 1.96 6.46
C VAL B 138 -2.76 1.31 7.82
N GLY B 139 -2.85 2.08 8.90
CA GLY B 139 -2.60 1.48 10.21
C GLY B 139 -2.90 2.34 11.41
N SER B 140 -2.66 1.76 12.58
CA SER B 140 -2.85 2.41 13.87
C SER B 140 -1.55 2.32 14.64
N ILE B 141 -1.35 3.27 15.56
CA ILE B 141 -0.17 3.29 16.44
C ILE B 141 -0.62 3.59 17.87
N VAL B 142 -0.11 2.82 18.83
CA VAL B 142 -0.46 3.03 20.23
C VAL B 142 0.81 3.00 21.12
N SER B 143 0.96 4.03 21.92
CA SER B 143 2.06 4.18 22.86
C SER B 143 1.44 3.95 24.25
N ILE B 144 2.06 3.11 25.06
CA ILE B 144 1.50 2.74 26.38
C ILE B 144 2.47 3.08 27.52
N TRP B 145 2.00 3.91 28.44
CA TRP B 145 2.74 4.34 29.62
C TRP B 145 2.03 3.76 30.83
N ARG B 146 2.77 3.59 31.92
CA ARG B 146 2.17 3.01 33.14
C ARG B 146 2.58 3.79 34.38
N ILE B 147 1.59 4.33 35.10
CA ILE B 147 1.85 5.13 36.29
C ILE B 147 2.63 4.28 37.31
N GLY B 148 3.69 4.86 37.87
CA GLY B 148 4.51 4.15 38.83
C GLY B 148 5.59 3.30 38.19
N HIS B 149 5.70 3.35 36.87
CA HIS B 149 6.72 2.61 36.13
C HIS B 149 7.60 3.56 35.31
N HIS B 150 8.90 3.28 35.32
CA HIS B 150 9.91 4.12 34.64
C HIS B 150 9.84 5.59 35.04
N GLY B 151 9.53 5.86 36.31
CA GLY B 151 9.47 7.23 36.80
C GLY B 151 8.27 8.04 36.34
N VAL B 152 7.24 7.38 35.81
CA VAL B 152 6.05 8.07 35.34
C VAL B 152 5.01 8.14 36.47
N GLN B 153 4.81 9.34 36.99
N GLN B 153 4.81 9.33 37.01
CA GLN B 153 3.83 9.57 38.05
CA GLN B 153 3.81 9.51 38.06
C GLN B 153 2.72 10.44 37.50
C GLN B 153 2.72 10.44 37.52
N TRP B 154 1.50 10.27 38.02
CA TRP B 154 0.39 11.07 37.56
C TRP B 154 0.56 12.52 37.99
N GLN B 155 0.56 13.43 37.02
CA GLN B 155 0.69 14.86 37.26
C GLN B 155 -0.32 15.60 36.40
N GLY B 156 -1.50 15.00 36.22
CA GLY B 156 -2.55 15.61 35.42
C GLY B 156 -2.17 15.80 33.97
N ALA B 157 -2.55 16.95 33.43
CA ALA B 157 -2.31 17.24 32.01
C ALA B 157 -0.87 17.14 31.52
N ASP B 158 0.08 17.50 32.39
N ASP B 158 0.07 17.48 32.39
CA ASP B 158 1.49 17.50 32.00
CA ASP B 158 1.49 17.51 32.04
C ASP B 158 2.26 16.23 32.41
C ASP B 158 2.26 16.22 32.34
N THR B 159 1.53 15.13 32.62
CA THR B 159 2.15 13.85 32.99
C THR B 159 3.28 13.34 32.08
N LEU B 160 3.15 13.54 30.77
CA LEU B 160 4.14 13.03 29.81
C LEU B 160 5.20 14.06 29.40
N ILE B 161 5.04 15.30 29.82
CA ILE B 161 6.01 16.33 29.46
C ILE B 161 7.36 15.97 30.05
N GLN B 162 8.38 16.04 29.20
CA GLN B 162 9.78 15.69 29.50
C GLN B 162 10.07 14.17 29.61
N LYS B 163 9.07 13.33 29.34
CA LYS B 163 9.31 11.90 29.32
C LYS B 163 9.91 11.53 27.97
N THR B 164 10.64 10.41 27.94
CA THR B 164 11.22 9.91 26.70
C THR B 164 10.58 8.58 26.37
N GLY B 165 10.78 8.13 25.13
CA GLY B 165 10.22 6.86 24.67
C GLY B 165 10.69 5.67 25.51
N ARG B 166 11.87 5.79 26.10
CA ARG B 166 12.40 4.71 26.94
C ARG B 166 11.60 4.53 28.23
N GLN B 167 10.68 5.45 28.50
CA GLN B 167 9.82 5.37 29.69
C GLN B 167 8.46 4.72 29.40
N GLN B 168 8.21 4.37 28.14
CA GLN B 168 6.98 3.62 27.82
C GLN B 168 7.12 2.22 28.38
N VAL B 169 5.99 1.59 28.73
CA VAL B 169 6.04 0.18 29.13
C VAL B 169 5.78 -0.75 27.93
N ALA B 170 5.19 -0.23 26.86
CA ALA B 170 4.93 -1.01 25.66
C ALA B 170 4.50 -0.13 24.52
N SER B 171 4.58 -0.67 23.31
CA SER B 171 4.03 0.01 22.15
C SER B 171 3.62 -1.00 21.10
N LEU B 172 2.80 -0.55 20.16
CA LEU B 172 2.38 -1.42 19.08
C LEU B 172 1.94 -0.66 17.87
N ILE B 173 2.08 -1.32 16.73
CA ILE B 173 1.57 -0.83 15.46
C ILE B 173 0.72 -1.93 14.86
N VAL B 174 -0.32 -1.54 14.14
CA VAL B 174 -1.22 -2.49 13.48
C VAL B 174 -1.38 -2.02 12.05
N VAL B 175 -1.23 -2.94 11.11
CA VAL B 175 -1.36 -2.64 9.69
C VAL B 175 -2.67 -3.27 9.18
N TYR B 176 -3.47 -2.45 8.52
CA TYR B 176 -4.71 -2.87 7.89
C TYR B 176 -4.45 -2.95 6.39
N GLY B 177 -4.30 -4.17 5.87
CA GLY B 177 -4.14 -4.40 4.44
C GLY B 177 -5.12 -5.51 4.08
N PRO B 178 -4.75 -6.38 3.13
CA PRO B 178 -5.66 -7.50 2.82
C PRO B 178 -5.93 -8.34 4.07
N ARG B 179 -4.98 -8.36 5.01
CA ARG B 179 -5.16 -8.97 6.32
C ARG B 179 -4.86 -7.91 7.36
N THR B 180 -4.83 -8.32 8.63
CA THR B 180 -4.49 -7.42 9.72
C THR B 180 -3.27 -8.00 10.43
N THR B 181 -2.22 -7.19 10.52
CA THR B 181 -0.98 -7.65 11.15
C THR B 181 -0.47 -6.55 12.06
N GLY B 182 0.67 -6.78 12.71
CA GLY B 182 1.24 -5.74 13.54
C GLY B 182 2.52 -6.16 14.22
N VAL B 183 3.00 -5.29 15.11
CA VAL B 183 4.16 -5.57 15.90
C VAL B 183 3.91 -4.98 17.27
N VAL B 184 4.30 -5.68 18.31
CA VAL B 184 4.20 -5.17 19.69
C VAL B 184 5.52 -5.46 20.42
N ALA B 185 5.89 -4.56 21.32
CA ALA B 185 7.06 -4.77 22.17
C ALA B 185 6.76 -4.25 23.56
N VAL B 186 7.34 -4.93 24.54
N VAL B 186 7.26 -4.93 24.58
CA VAL B 186 7.20 -4.60 25.95
CA VAL B 186 7.12 -4.41 25.93
C VAL B 186 8.54 -4.05 26.44
C VAL B 186 8.50 -3.94 26.36
N ASN B 187 8.51 -3.06 27.34
CA ASN B 187 9.74 -2.47 27.88
C ASN B 187 9.59 -2.40 29.38
N VAL B 188 9.90 -3.49 30.04
CA VAL B 188 9.73 -3.58 31.49
C VAL B 188 11.05 -3.63 32.27
N ASP B 189 12.19 -3.59 31.60
CA ASP B 189 13.48 -3.56 32.32
C ASP B 189 13.56 -2.28 33.16
N ALA B 190 13.95 -2.39 34.43
CA ALA B 190 14.03 -1.22 35.32
C ALA B 190 14.99 -0.13 34.82
N GLY B 191 16.02 -0.53 34.07
CA GLY B 191 17.00 0.42 33.54
C GLY B 191 16.72 0.86 32.11
N GLY B 192 15.59 0.43 31.56
CA GLY B 192 15.22 0.79 30.18
C GLY B 192 16.03 0.11 29.08
N ILE B 193 16.64 -1.04 29.40
CA ILE B 193 17.41 -1.78 28.40
C ILE B 193 16.45 -2.46 27.45
N VAL B 194 16.59 -2.15 26.16
CA VAL B 194 15.74 -2.73 25.14
C VAL B 194 16.59 -3.72 24.35
N LYS B 195 16.27 -5.01 24.54
CA LYS B 195 17.03 -6.11 23.96
C LYS B 195 16.55 -6.44 22.55
N GLU B 196 17.49 -6.67 21.65
CA GLU B 196 17.18 -7.09 20.29
C GLU B 196 16.48 -8.45 20.35
N GLY B 197 15.44 -8.63 19.54
CA GLY B 197 14.73 -9.91 19.49
C GLY B 197 13.55 -10.00 20.43
N THR B 198 13.11 -8.86 20.93
CA THR B 198 11.95 -8.80 21.83
C THR B 198 10.69 -8.24 21.13
N ALA B 199 10.78 -7.90 19.85
CA ALA B 199 9.61 -7.42 19.13
C ALA B 199 8.84 -8.65 18.65
N LEU B 200 7.52 -8.61 18.77
CA LEU B 200 6.67 -9.70 18.34
C LEU B 200 5.86 -9.29 17.12
N ASP B 201 6.04 -10.04 16.02
CA ASP B 201 5.30 -9.82 14.77
C ASP B 201 3.96 -10.52 14.96
N LEU B 202 2.90 -9.83 14.59
CA LEU B 202 1.53 -10.31 14.83
C LEU B 202 0.71 -10.47 13.56
N GLU B 203 -0.24 -11.41 13.62
CA GLU B 203 -1.18 -11.63 12.55
C GLU B 203 -2.51 -11.89 13.21
N MET B 204 -3.56 -11.23 12.73
CA MET B 204 -4.89 -11.49 13.24
C MET B 204 -5.54 -12.60 12.41
N LYS B 205 -6.06 -13.62 13.08
CA LYS B 205 -6.81 -14.66 12.41
C LYS B 205 -8.13 -14.03 12.04
N ASP B 206 -8.85 -14.59 11.07
CA ASP B 206 -10.07 -13.95 10.61
C ASP B 206 -11.19 -14.00 11.65
N ASN B 207 -10.99 -14.76 12.73
CA ASN B 207 -11.92 -14.79 13.86
C ASN B 207 -11.65 -13.66 14.85
N GLY B 208 -10.61 -12.85 14.58
CA GLY B 208 -10.28 -11.70 15.41
C GLY B 208 -9.17 -11.91 16.45
N LYS B 209 -8.75 -13.16 16.63
CA LYS B 209 -7.70 -13.49 17.60
C LYS B 209 -6.32 -13.25 16.99
N PHE B 210 -5.42 -12.66 17.77
CA PHE B 210 -4.08 -12.41 17.31
C PHE B 210 -3.11 -13.50 17.72
N ILE B 211 -2.21 -13.82 16.81
CA ILE B 211 -1.15 -14.79 17.06
C ILE B 211 0.18 -14.11 16.72
N CYS B 212 1.27 -14.71 17.18
CA CYS B 212 2.60 -14.19 16.91
C CYS B 212 3.21 -15.09 15.85
N ARG B 213 3.66 -14.50 14.75
N ARG B 213 3.61 -14.53 14.72
CA ARG B 213 4.26 -15.27 13.66
CA ARG B 213 4.26 -15.40 13.72
C ARG B 213 5.78 -15.42 13.81
C ARG B 213 5.78 -15.21 13.61
N GLY B 214 6.37 -14.59 14.64
CA GLY B 214 7.83 -14.55 14.76
C GLY B 214 8.36 -13.39 15.56
N LYS B 215 9.66 -13.38 15.75
CA LYS B 215 10.36 -12.31 16.45
C LYS B 215 11.38 -11.74 15.48
N PRO B 216 10.98 -10.69 14.75
CA PRO B 216 11.84 -10.12 13.73
C PRO B 216 13.09 -9.48 14.25
N ILE B 217 14.17 -9.72 13.53
CA ILE B 217 15.45 -9.07 13.84
C ILE B 217 15.85 -8.34 12.56
N ILE B 218 15.92 -7.01 12.67
CA ILE B 218 16.26 -6.14 11.53
C ILE B 218 17.78 -6.19 11.33
N LYS B 219 18.19 -6.75 10.21
CA LYS B 219 19.60 -6.91 9.88
C LYS B 219 20.26 -5.55 9.70
N PRO B 220 21.57 -5.48 10.00
CA PRO B 220 22.30 -4.21 9.87
C PRO B 220 22.40 -3.68 8.43
N GLN B 221 22.39 -4.58 7.44
N GLN B 221 22.37 -4.58 7.44
CA GLN B 221 22.43 -4.16 6.03
CA GLN B 221 22.45 -4.16 6.04
C GLN B 221 21.02 -4.07 5.47
C GLN B 221 21.05 -4.11 5.42
N ALA B 222 20.80 -3.09 4.60
CA ALA B 222 19.50 -2.90 3.99
C ALA B 222 19.56 -3.01 2.47
N LYS B 223 18.45 -3.42 1.88
CA LYS B 223 18.25 -3.45 0.44
C LYS B 223 17.12 -2.49 0.03
N ILE B 224 16.21 -2.20 0.95
CA ILE B 224 15.05 -1.32 0.69
C ILE B 224 15.23 0.04 1.30
N PHE B 225 14.83 1.08 0.58
CA PHE B 225 14.80 2.44 1.14
C PHE B 225 13.39 3.03 0.95
N SER B 226 12.98 3.86 1.92
CA SER B 226 11.64 4.43 1.99
C SER B 226 11.80 5.90 2.39
N PRO B 227 11.92 6.78 1.38
CA PRO B 227 12.19 8.19 1.63
C PRO B 227 10.97 9.07 1.74
N ALA B 228 10.57 9.36 2.99
CA ALA B 228 9.44 10.21 3.30
C ALA B 228 9.87 11.66 3.29
N ASN B 229 8.91 12.59 3.28
CA ASN B 229 9.19 14.03 3.25
C ASN B 229 10.26 14.31 2.18
N LEU B 230 10.10 13.67 1.03
CA LEU B 230 11.06 13.74 -0.07
C LEU B 230 11.44 15.17 -0.44
N ARG B 231 10.46 16.07 -0.38
CA ARG B 231 10.70 17.49 -0.70
C ARG B 231 11.79 18.14 0.13
N ALA B 232 12.05 17.60 1.32
CA ALA B 232 13.12 18.13 2.19
C ALA B 232 14.49 18.02 1.50
N ALA B 233 14.64 17.03 0.62
CA ALA B 233 15.91 16.81 -0.11
C ALA B 233 16.30 18.04 -0.94
N GLN B 234 15.29 18.80 -1.36
CA GLN B 234 15.54 19.99 -2.18
C GLN B 234 16.23 21.13 -1.42
N ASP B 235 16.19 21.13 -0.08
CA ASP B 235 16.95 22.14 0.68
C ASP B 235 17.75 21.49 1.81
N LEU B 236 18.03 20.19 1.67
CA LEU B 236 18.83 19.44 2.62
C LEU B 236 19.78 18.53 1.79
N PRO B 237 20.94 19.07 1.41
CA PRO B 237 21.89 18.35 0.55
C PRO B 237 22.23 16.93 0.98
N ALA B 238 22.45 16.71 2.27
CA ALA B 238 22.80 15.39 2.77
C ALA B 238 21.73 14.36 2.44
N TYR B 239 20.46 14.73 2.57
CA TYR B 239 19.34 13.83 2.26
C TYR B 239 19.28 13.59 0.75
N LYS B 240 19.44 14.65 -0.03
CA LYS B 240 19.48 14.50 -1.47
C LYS B 240 20.59 13.53 -1.89
N GLN B 241 21.78 13.66 -1.28
N GLN B 241 21.79 13.70 -1.35
CA GLN B 241 22.91 12.77 -1.61
CA GLN B 241 22.91 12.84 -1.75
C GLN B 241 22.68 11.31 -1.16
C GLN B 241 22.74 11.40 -1.24
N LEU B 242 22.07 11.10 0.00
N LEU B 242 22.05 11.24 -0.11
CA LEU B 242 21.76 9.73 0.46
CA LEU B 242 21.77 9.91 0.45
C LEU B 242 20.78 9.10 -0.51
C LEU B 242 20.80 9.15 -0.49
N ILE B 243 19.75 9.86 -0.92
CA ILE B 243 18.77 9.32 -1.88
C ILE B 243 19.45 8.98 -3.21
N GLU B 244 20.32 9.86 -3.69
CA GLU B 244 21.07 9.58 -4.91
C GLU B 244 21.93 8.33 -4.76
N PHE B 245 22.56 8.20 -3.60
CA PHE B 245 23.41 7.05 -3.29
C PHE B 245 22.59 5.77 -3.31
N TRP B 246 21.45 5.78 -2.65
CA TRP B 246 20.58 4.59 -2.63
C TRP B 246 20.15 4.18 -4.03
N MET B 247 19.87 5.15 -4.90
CA MET B 247 19.51 4.86 -6.29
C MET B 247 20.72 4.30 -7.05
N GLU B 248 21.86 4.94 -6.89
CA GLU B 248 23.09 4.51 -7.58
C GLU B 248 23.51 3.08 -7.23
N LYS B 249 23.27 2.68 -5.99
CA LYS B 249 23.58 1.33 -5.52
C LYS B 249 22.41 0.34 -5.74
N ARG B 250 21.37 0.78 -6.43
CA ARG B 250 20.23 -0.07 -6.79
C ARG B 250 19.43 -0.65 -5.61
N TYR B 251 19.31 0.14 -4.53
CA TYR B 251 18.44 -0.22 -3.42
C TYR B 251 17.01 -0.22 -3.97
N THR B 252 16.15 -1.01 -3.36
CA THR B 252 14.77 -1.13 -3.80
C THR B 252 13.89 -0.05 -3.17
N LEU B 253 13.20 0.73 -3.99
CA LEU B 253 12.33 1.79 -3.48
C LEU B 253 10.98 1.22 -3.06
N ARG B 254 10.57 1.49 -1.82
CA ARG B 254 9.25 1.03 -1.31
C ARG B 254 8.73 2.12 -0.40
N TYR B 255 7.78 2.89 -0.90
CA TYR B 255 7.28 4.05 -0.17
C TYR B 255 5.81 4.31 -0.50
N THR B 256 4.93 3.92 0.41
CA THR B 256 3.49 4.04 0.20
C THR B 256 2.89 5.37 0.64
N GLY B 257 3.59 6.11 1.52
CA GLY B 257 3.05 7.37 2.03
C GLY B 257 2.26 7.17 3.33
N GLY B 258 2.13 5.91 3.77
CA GLY B 258 1.47 5.57 5.03
C GLY B 258 2.59 5.16 5.99
N LEU B 259 2.75 5.91 7.07
CA LEU B 259 3.84 5.64 8.03
C LEU B 259 3.90 4.20 8.55
N VAL B 260 2.75 3.66 8.99
CA VAL B 260 2.72 2.32 9.56
C VAL B 260 3.13 1.25 8.55
N PRO B 261 2.50 1.20 7.36
CA PRO B 261 2.97 0.21 6.40
C PRO B 261 4.45 0.43 6.00
N ASP B 262 4.85 1.70 5.88
CA ASP B 262 6.22 2.01 5.41
C ASP B 262 7.29 1.53 6.40
N VAL B 263 6.97 1.46 7.69
N VAL B 263 6.95 1.47 7.68
CA VAL B 263 7.95 0.93 8.64
CA VAL B 263 7.87 0.96 8.68
C VAL B 263 7.70 -0.56 8.93
C VAL B 263 7.69 -0.54 8.89
N TYR B 264 6.45 -1.02 8.79
CA TYR B 264 6.15 -2.45 9.01
C TYR B 264 6.95 -3.36 8.06
N GLN B 265 7.12 -2.91 6.82
CA GLN B 265 7.91 -3.71 5.86
C GLN B 265 9.31 -4.07 6.36
N ILE B 266 9.91 -3.20 7.16
CA ILE B 266 11.26 -3.42 7.68
C ILE B 266 11.30 -4.63 8.60
N PHE B 267 10.26 -4.79 9.41
CA PHE B 267 10.16 -5.96 10.27
C PHE B 267 9.97 -7.24 9.47
N VAL B 268 9.11 -7.20 8.46
CA VAL B 268 8.80 -8.38 7.66
C VAL B 268 10.00 -8.82 6.83
N LYS B 269 10.65 -7.86 6.19
CA LYS B 269 11.81 -8.16 5.33
C LYS B 269 13.07 -8.32 6.17
N GLN B 270 13.00 -7.86 7.42
CA GLN B 270 14.10 -7.96 8.37
C GLN B 270 15.31 -7.17 7.85
N GLN B 271 14.97 -6.06 7.18
CA GLN B 271 15.95 -5.12 6.60
C GLN B 271 15.20 -3.98 5.96
N GLY B 272 15.87 -2.83 5.87
CA GLY B 272 15.31 -1.65 5.22
C GLY B 272 15.56 -0.38 6.01
N VAL B 273 15.40 0.74 5.33
CA VAL B 273 15.56 2.04 5.98
C VAL B 273 14.44 2.99 5.58
N PHE B 274 13.82 3.56 6.61
CA PHE B 274 12.79 4.55 6.46
C PHE B 274 13.37 5.88 6.92
N CYS B 275 13.18 6.92 6.10
N CYS B 275 13.17 6.93 6.13
CA CYS B 275 13.68 8.25 6.45
CA CYS B 275 13.72 8.24 6.48
C CYS B 275 12.61 9.32 6.35
C CYS B 275 12.72 9.38 6.30
N ASN B 276 12.52 10.16 7.37
CA ASN B 276 11.61 11.31 7.36
C ASN B 276 12.35 12.44 8.08
N PRO B 277 13.36 13.05 7.41
CA PRO B 277 14.14 14.12 8.01
C PRO B 277 13.44 15.45 7.97
N ALA B 278 14.03 16.43 8.67
CA ALA B 278 13.45 17.77 8.74
C ALA B 278 14.36 18.75 8.05
N SER B 279 13.78 19.66 7.27
CA SER B 279 14.56 20.74 6.63
C SER B 279 13.86 22.04 6.98
N LYS B 280 14.51 23.17 6.68
CA LYS B 280 13.90 24.46 6.96
C LYS B 280 12.59 24.60 6.17
N ALA B 281 12.65 24.26 4.89
CA ALA B 281 11.50 24.36 3.98
C ALA B 281 10.43 23.31 4.24
N ALA B 282 10.85 22.12 4.66
CA ALA B 282 9.94 21.00 4.91
C ALA B 282 10.20 20.45 6.30
N PRO B 283 9.65 21.12 7.32
CA PRO B 283 9.91 20.67 8.68
C PRO B 283 9.28 19.33 9.03
N ALA B 284 9.74 18.75 10.14
CA ALA B 284 9.22 17.50 10.63
C ALA B 284 7.75 17.66 10.97
N LYS B 285 6.94 16.69 10.52
N LYS B 285 6.95 16.67 10.57
CA LYS B 285 5.52 16.67 10.81
CA LYS B 285 5.51 16.66 10.82
C LYS B 285 5.12 15.47 11.68
C LYS B 285 5.08 15.47 11.68
N LEU B 286 5.93 14.42 11.74
N LEU B 286 5.92 14.44 11.75
CA LEU B 286 5.57 13.25 12.56
CA LEU B 286 5.59 13.25 12.55
C LEU B 286 5.46 13.66 14.02
C LEU B 286 5.47 13.64 14.03
N ARG B 287 4.40 13.18 14.68
CA ARG B 287 4.16 13.50 16.09
C ARG B 287 4.89 12.58 17.05
N MET B 288 5.62 13.18 17.98
CA MET B 288 6.32 12.41 19.00
C MET B 288 5.40 11.49 19.78
N CYS B 289 4.35 12.05 20.37
CA CYS B 289 3.49 11.29 21.24
C CYS B 289 2.55 10.28 20.58
N PHE B 290 2.20 10.49 19.31
CA PHE B 290 1.19 9.65 18.65
C PHE B 290 1.71 8.74 17.57
N GLU B 291 2.93 9.02 17.11
CA GLU B 291 3.54 8.20 16.06
C GLU B 291 4.97 7.73 16.35
N VAL B 292 5.84 8.67 16.67
CA VAL B 292 7.27 8.39 16.72
C VAL B 292 7.78 7.53 17.86
N LEU B 293 7.39 7.85 19.09
CA LEU B 293 7.87 7.08 20.23
C LEU B 293 7.48 5.61 20.18
N ALA B 294 6.24 5.32 19.76
CA ALA B 294 5.78 3.93 19.66
C ALA B 294 6.60 3.16 18.63
N ILE B 295 6.80 3.78 17.48
CA ILE B 295 7.61 3.19 16.42
C ILE B 295 9.05 2.94 16.87
N ALA B 296 9.66 3.90 17.58
CA ALA B 296 11.03 3.77 18.04
C ALA B 296 11.22 2.56 18.95
N LEU B 297 10.24 2.26 19.80
CA LEU B 297 10.35 1.14 20.69
C LEU B 297 10.28 -0.19 19.94
N VAL B 298 9.29 -0.37 19.05
CA VAL B 298 9.22 -1.63 18.33
C VAL B 298 10.46 -1.82 17.43
N VAL B 299 10.93 -0.74 16.80
CA VAL B 299 12.10 -0.83 15.94
C VAL B 299 13.33 -1.28 16.75
N GLU B 300 13.60 -0.63 17.87
N GLU B 300 13.55 -0.61 17.89
CA GLU B 300 14.77 -1.00 18.64
CA GLU B 300 14.66 -0.92 18.79
C GLU B 300 14.62 -2.37 19.33
C GLU B 300 14.60 -2.36 19.26
N ALA B 301 13.39 -2.81 19.62
CA ALA B 301 13.16 -4.17 20.15
C ALA B 301 13.51 -5.23 19.08
N ALA B 302 13.49 -4.86 17.81
CA ALA B 302 13.88 -5.79 16.72
C ALA B 302 15.35 -5.61 16.30
N GLY B 303 16.09 -4.80 17.03
CA GLY B 303 17.50 -4.55 16.70
C GLY B 303 17.74 -3.46 15.67
N GLY B 304 16.69 -2.74 15.27
CA GLY B 304 16.84 -1.63 14.36
C GLY B 304 17.32 -0.44 15.16
N ARG B 305 17.81 0.58 14.47
CA ARG B 305 18.23 1.82 15.08
C ARG B 305 17.26 2.91 14.68
N THR B 306 17.17 3.93 15.51
CA THR B 306 16.38 5.10 15.17
C THR B 306 17.25 6.31 15.37
N SER B 307 16.89 7.38 14.68
CA SER B 307 17.61 8.65 14.78
C SER B 307 16.79 9.85 14.28
N ASN B 308 16.96 10.99 14.97
CA ASN B 308 16.39 12.26 14.55
C ASN B 308 17.52 13.07 13.92
N GLY B 309 18.64 12.40 13.66
CA GLY B 309 19.84 13.03 13.10
C GLY B 309 20.94 13.13 14.16
N GLN B 310 20.54 13.21 15.43
CA GLN B 310 21.47 13.34 16.57
C GLN B 310 21.44 12.14 17.50
N LYS B 311 20.25 11.67 17.86
CA LYS B 311 20.13 10.58 18.81
C LYS B 311 18.90 9.71 18.59
N SER B 312 18.86 8.61 19.33
CA SER B 312 17.75 7.66 19.29
C SER B 312 16.46 8.33 19.71
N LEU B 313 15.36 7.94 19.05
CA LEU B 313 14.03 8.47 19.41
C LEU B 313 13.48 7.87 20.70
N LEU B 314 14.25 7.01 21.39
CA LEU B 314 13.86 6.58 22.74
C LEU B 314 14.46 7.52 23.77
N ASP B 315 15.35 8.42 23.33
CA ASP B 315 16.03 9.33 24.25
C ASP B 315 15.85 10.82 23.97
N VAL B 316 14.72 11.18 23.35
CA VAL B 316 14.38 12.57 23.08
C VAL B 316 13.16 12.89 23.94
N ALA B 317 13.29 13.90 24.80
CA ALA B 317 12.21 14.27 25.71
C ALA B 317 11.06 15.00 25.00
N ILE B 318 9.84 14.65 25.42
CA ILE B 318 8.62 15.30 24.92
C ILE B 318 8.63 16.73 25.47
N GLU B 319 8.61 17.72 24.58
N GLU B 319 8.60 17.71 24.57
CA GLU B 319 8.62 19.12 24.99
CA GLU B 319 8.61 19.12 24.97
C GLU B 319 7.19 19.65 25.17
C GLU B 319 7.21 19.66 25.15
N HIS B 320 6.28 19.17 24.32
CA HIS B 320 4.86 19.59 24.36
C HIS B 320 4.07 18.42 23.77
N MET B 321 2.77 18.36 24.02
CA MET B 321 1.99 17.23 23.47
C MET B 321 1.95 17.20 21.96
N ASP B 322 2.14 18.36 21.32
CA ASP B 322 2.11 18.47 19.86
C ASP B 322 3.51 18.41 19.22
N HIS B 323 4.51 18.10 20.04
CA HIS B 323 5.93 18.03 19.59
C HIS B 323 6.10 17.13 18.35
N ARG B 324 6.69 17.70 17.30
CA ARG B 324 6.94 16.97 16.05
C ARG B 324 8.43 16.68 15.92
N SER B 325 8.77 15.57 15.29
CA SER B 325 10.17 15.15 15.15
C SER B 325 10.49 14.41 13.87
N ALA B 326 11.73 14.59 13.41
CA ALA B 326 12.22 13.80 12.31
C ALA B 326 12.34 12.38 12.86
N LEU B 327 12.30 11.42 11.95
CA LEU B 327 12.49 10.03 12.31
C LEU B 327 13.10 9.24 11.16
N CYS B 328 14.28 8.66 11.40
N CYS B 328 14.26 8.63 11.40
CA CYS B 328 14.88 7.72 10.47
CA CYS B 328 14.90 7.72 10.45
C CYS B 328 14.98 6.41 11.25
C CYS B 328 15.07 6.41 11.21
N CYS B 329 14.61 5.30 10.65
CA CYS B 329 14.66 4.02 11.38
C CYS B 329 14.86 2.82 10.51
N GLY B 330 15.45 1.79 11.09
CA GLY B 330 15.68 0.54 10.37
C GLY B 330 17.08 -0.02 10.54
N SER B 331 17.58 -0.61 9.45
CA SER B 331 18.88 -1.27 9.41
C SER B 331 20.00 -0.36 9.95
N ALA B 332 20.70 -0.86 10.96
CA ALA B 332 21.76 -0.13 11.66
C ALA B 332 22.75 0.58 10.74
N ASP B 333 23.28 -0.12 9.73
CA ASP B 333 24.31 0.46 8.82
C ASP B 333 23.80 1.68 8.03
N GLU B 334 22.52 1.70 7.70
CA GLU B 334 21.96 2.81 6.95
C GLU B 334 21.67 3.98 7.85
N ILE B 335 21.32 3.72 9.11
CA ILE B 335 21.07 4.80 10.04
C ILE B 335 22.43 5.47 10.32
N LYS B 336 23.49 4.65 10.37
CA LYS B 336 24.87 5.18 10.53
C LYS B 336 25.32 5.94 9.29
N ARG B 337 25.03 5.38 8.10
CA ARG B 337 25.38 6.07 6.87
C ARG B 337 24.73 7.44 6.84
N MET B 338 23.48 7.49 7.29
CA MET B 338 22.73 8.74 7.32
C MET B 338 23.38 9.77 8.24
N GLU B 339 23.78 9.35 9.43
CA GLU B 339 24.40 10.29 10.37
C GLU B 339 25.75 10.80 9.83
N GLU B 340 26.56 9.89 9.30
CA GLU B 340 27.87 10.20 8.73
C GLU B 340 27.75 11.15 7.53
N THR B 341 26.77 10.89 6.66
CA THR B 341 26.57 11.73 5.47
C THR B 341 26.08 13.11 5.87
N PHE B 342 25.17 13.18 6.85
CA PHE B 342 24.69 14.47 7.37
C PHE B 342 25.82 15.24 8.04
N ALA B 343 26.76 14.52 8.67
CA ALA B 343 27.92 15.16 9.32
C ALA B 343 28.91 15.64 8.27
N ALA B 344 29.18 14.81 7.24
CA ALA B 344 30.12 15.18 6.19
C ALA B 344 29.62 16.28 5.25
N LEU B 345 28.32 16.30 4.98
CA LEU B 345 27.73 17.27 4.04
C LEU B 345 26.69 18.26 4.62
N SER B 346 26.97 19.03 5.67
CA SER B 346 28.24 19.07 6.40
C SER B 346 28.00 18.80 7.89
C1 PEG C . 2.84 20.13 -11.40
O1 PEG C . 1.51 19.68 -11.68
C2 PEG C . 3.38 19.46 -10.13
O2 PEG C . 3.25 20.36 -9.02
C3 PEG C . 3.80 19.85 -7.82
C4 PEG C . 3.91 20.99 -6.80
O4 PEG C . 2.60 21.41 -6.41
C1 PEG D . 5.37 19.50 -21.28
O1 PEG D . 6.36 18.74 -21.97
C2 PEG D . 4.12 18.65 -21.03
O2 PEG D . 3.02 19.19 -21.78
C3 PEG D . 2.35 20.26 -21.10
C4 PEG D . 1.20 20.78 -21.97
O4 PEG D . 1.68 21.05 -23.29
C1 PEG E . 21.25 -4.37 -4.25
O1 PEG E . 21.58 -5.72 -4.57
C2 PEG E . 22.35 -3.75 -3.40
O2 PEG E . 21.77 -3.09 -2.27
C3 PEG E . 22.67 -2.98 -1.17
C4 PEG E . 22.68 -4.27 -0.36
O4 PEG E . 22.99 -4.00 1.01
C1 PEG F . 19.72 17.12 13.73
O1 PEG F . 21.04 16.65 13.45
C2 PEG F . 19.46 17.03 15.24
O2 PEG F . 18.22 17.65 15.55
C3 PEG F . 17.97 17.69 16.96
C4 PEG F . 16.55 18.15 17.20
O4 PEG F . 16.38 19.49 16.70
C ACT G . -3.96 9.52 40.32
O ACT G . -3.88 8.60 39.47
OXT ACT G . -4.97 10.26 40.23
CH3 ACT G . -2.93 9.72 41.38
#